data_4O94
#
_entry.id   4O94
#
_cell.length_a   46.469
_cell.length_b   112.845
_cell.length_c   136.294
_cell.angle_alpha   90.00
_cell.angle_beta   95.91
_cell.angle_gamma   90.00
#
_symmetry.space_group_name_H-M   'P 1 21 1'
#
loop_
_entity.id
_entity.type
_entity.pdbx_description
1 polymer 'TRAP dicarboxylate transporter DctP subunit'
2 non-polymer 'CHLORIDE ION'
3 non-polymer 'SUCCINIC ACID'
4 water water
#
_entity_poly.entity_id   1
_entity_poly.type   'polypeptide(L)'
_entity_poly.pdbx_seq_one_letter_code
;(MSE)HHHHHHSSGVDLGTENLYFQS(MSE)QQPIVVKFSHVVADNTPKGQAAIKFKELAEKYTNGKVKVEVYPNSQLFG
DAKE(MSE)EAVALGDVQFIAPSLSKFDKFTKQIQVFDLPFLFNDIAAVDRFQAGKQGQALLRS(MSE)ESKNFLGLAYW
HNG(MSE)KQISANRPLLKPEDAKGLKFRIQASDILAAQFQGLNATPQKLAFSEVYQALQVGTVDGQENTWSNIFSQKFY
EVQKDITESDHGVIDY(MSE)VVVNAKWWNGLSKDLQDA(MSE)KKA(MSE)DEATKVNNDVAGKLNDEAKQKIASSGAS
KIHQLTPEQRKQWVEA(MSE)KPVWAKFESAIGKDLIDAAVASNDTKTN
;
_entity_poly.pdbx_strand_id   A,B,C,D
#
# COMPACT_ATOMS: atom_id res chain seq x y z
N GLN A 25 0.26 10.79 -29.66
CA GLN A 25 -0.93 10.40 -28.91
C GLN A 25 -2.13 11.20 -29.39
N PRO A 26 -2.99 10.63 -30.25
CA PRO A 26 -4.08 11.51 -30.70
C PRO A 26 -5.16 11.66 -29.62
N ILE A 27 -5.89 12.77 -29.66
CA ILE A 27 -6.91 12.98 -28.66
C ILE A 27 -8.14 12.15 -29.00
N VAL A 28 -8.49 11.23 -28.11
CA VAL A 28 -9.70 10.43 -28.28
C VAL A 28 -10.92 11.18 -27.79
N VAL A 29 -11.95 11.24 -28.63
CA VAL A 29 -13.22 11.87 -28.34
C VAL A 29 -14.30 10.81 -28.60
N LYS A 30 -15.21 10.56 -27.65
CA LYS A 30 -16.22 9.51 -27.86
C LYS A 30 -17.63 10.08 -27.98
N PHE A 31 -18.39 9.54 -28.91
CA PHE A 31 -19.77 9.95 -29.19
C PHE A 31 -20.58 8.68 -28.92
N SER A 32 -21.51 8.75 -27.98
CA SER A 32 -22.34 7.61 -27.65
C SER A 32 -23.82 7.85 -28.05
N HIS A 33 -24.51 6.82 -28.55
CA HIS A 33 -25.97 6.90 -28.67
C HIS A 33 -26.64 5.52 -28.64
N VAL A 34 -27.96 5.54 -28.79
CA VAL A 34 -28.79 4.36 -28.54
C VAL A 34 -29.41 3.77 -29.77
N VAL A 35 -29.22 4.42 -30.93
CA VAL A 35 -29.78 3.91 -32.18
C VAL A 35 -28.81 3.14 -33.07
N ALA A 36 -29.36 2.56 -34.11
CA ALA A 36 -28.58 1.85 -35.10
C ALA A 36 -27.80 2.82 -36.00
N ASP A 37 -26.74 2.31 -36.65
CA ASP A 37 -25.98 3.11 -37.59
C ASP A 37 -26.85 3.67 -38.76
N ASN A 38 -27.73 2.85 -39.28
CA ASN A 38 -28.50 3.26 -40.46
C ASN A 38 -29.72 4.04 -40.08
N THR A 39 -29.49 5.20 -39.47
CA THR A 39 -30.58 6.03 -38.99
C THR A 39 -30.22 7.49 -39.06
N PRO A 40 -31.21 8.36 -38.87
CA PRO A 40 -30.88 9.78 -39.02
C PRO A 40 -29.79 10.19 -38.02
N LYS A 41 -29.88 9.76 -36.77
CA LYS A 41 -28.82 10.10 -35.81
C LYS A 41 -27.51 9.32 -36.06
N GLY A 42 -27.66 8.04 -36.36
CA GLY A 42 -26.53 7.18 -36.62
C GLY A 42 -25.68 7.66 -37.77
N GLN A 43 -26.31 8.00 -38.88
CA GLN A 43 -25.61 8.50 -40.07
C GLN A 43 -24.93 9.86 -39.82
N ALA A 44 -25.57 10.71 -39.03
CA ALA A 44 -25.00 12.01 -38.72
C ALA A 44 -23.75 11.89 -37.83
N ALA A 45 -23.77 10.97 -36.89
CA ALA A 45 -22.64 10.82 -35.96
C ALA A 45 -21.42 10.27 -36.70
N ILE A 46 -21.67 9.40 -37.67
CA ILE A 46 -20.60 8.86 -38.51
C ILE A 46 -20.01 9.92 -39.41
N LYS A 47 -20.85 10.81 -39.94
CA LYS A 47 -20.38 11.97 -40.67
C LYS A 47 -19.53 12.86 -39.74
N PHE A 48 -19.98 13.05 -38.51
CA PHE A 48 -19.25 13.90 -37.61
C PHE A 48 -17.83 13.37 -37.39
N LYS A 49 -17.73 12.08 -37.11
CA LYS A 49 -16.45 11.40 -36.97
C LYS A 49 -15.53 11.65 -38.16
N GLU A 50 -16.03 11.36 -39.35
CA GLU A 50 -15.23 11.50 -40.56
C GLU A 50 -14.69 12.94 -40.70
N LEU A 51 -15.56 13.93 -40.54
CA LEU A 51 -15.19 15.35 -40.69
C LEU A 51 -14.36 15.94 -39.56
N ALA A 52 -14.57 15.51 -38.33
CA ALA A 52 -13.79 16.09 -37.24
C ALA A 52 -12.35 15.57 -37.38
N GLU A 53 -12.18 14.35 -37.85
CA GLU A 53 -10.83 13.83 -38.01
C GLU A 53 -10.19 14.54 -39.17
N LYS A 54 -10.96 14.88 -40.19
CA LYS A 54 -10.38 15.46 -41.38
C LYS A 54 -9.92 16.89 -41.07
N TYR A 55 -10.80 17.65 -40.44
CA TYR A 55 -10.58 19.05 -40.16
C TYR A 55 -9.57 19.26 -39.03
N THR A 56 -9.26 18.23 -38.27
CA THR A 56 -8.20 18.33 -37.26
C THR A 56 -6.93 17.63 -37.75
N ASN A 57 -6.92 17.23 -39.02
CA ASN A 57 -5.74 16.62 -39.59
C ASN A 57 -5.28 15.44 -38.77
N GLY A 58 -6.22 14.68 -38.24
CA GLY A 58 -5.92 13.44 -37.53
C GLY A 58 -5.52 13.63 -36.06
N LYS A 59 -5.45 14.89 -35.63
CA LYS A 59 -5.12 15.24 -34.24
C LYS A 59 -6.20 14.71 -33.28
N VAL A 60 -7.44 14.66 -33.76
CA VAL A 60 -8.56 14.07 -33.00
C VAL A 60 -9.07 12.81 -33.67
N LYS A 61 -9.30 11.80 -32.85
CA LYS A 61 -9.89 10.54 -33.28
C LYS A 61 -11.25 10.40 -32.63
N VAL A 62 -12.31 10.32 -33.44
CA VAL A 62 -13.66 10.17 -32.90
C VAL A 62 -14.12 8.67 -32.91
N GLU A 63 -14.53 8.15 -31.77
CA GLU A 63 -15.02 6.75 -31.68
C GLU A 63 -16.50 6.86 -31.47
N VAL A 64 -17.27 6.29 -32.39
CA VAL A 64 -18.72 6.27 -32.33
C VAL A 64 -19.25 4.94 -31.78
N TYR A 65 -20.09 5.03 -30.77
CA TYR A 65 -20.65 3.84 -30.13
C TYR A 65 -22.17 3.85 -30.26
N PRO A 66 -22.70 3.08 -31.25
CA PRO A 66 -24.15 3.05 -31.43
C PRO A 66 -24.86 2.02 -30.56
N ASN A 67 -26.18 1.94 -30.68
CA ASN A 67 -26.97 0.92 -30.01
C ASN A 67 -26.68 0.69 -28.52
N SER A 68 -26.40 1.77 -27.81
CA SER A 68 -26.13 1.69 -26.36
C SER A 68 -24.91 0.84 -26.00
N GLN A 69 -23.99 0.65 -26.93
CA GLN A 69 -22.84 -0.21 -26.64
C GLN A 69 -21.95 0.29 -25.53
N LEU A 70 -21.87 1.62 -25.39
CA LEU A 70 -21.03 2.25 -24.37
C LEU A 70 -21.90 2.79 -23.21
N PHE A 71 -22.84 3.67 -23.52
CA PHE A 71 -23.83 4.06 -22.52
C PHE A 71 -25.21 4.10 -23.20
N GLY A 72 -26.27 3.86 -22.41
CA GLY A 72 -27.63 4.02 -22.87
C GLY A 72 -28.32 5.23 -22.26
N ASP A 73 -29.66 5.21 -22.31
CA ASP A 73 -30.50 6.27 -21.78
C ASP A 73 -30.15 6.65 -20.32
N ALA A 74 -30.06 5.63 -19.48
CA ALA A 74 -29.93 5.85 -18.04
C ALA A 74 -28.62 6.55 -17.65
N LYS A 75 -27.53 6.34 -18.40
CA LYS A 75 -26.22 6.85 -17.96
C LYS A 75 -25.50 7.91 -18.79
N GLU A 76 -26.00 8.23 -19.98
CA GLU A 76 -25.25 9.09 -20.89
C GLU A 76 -25.03 10.51 -20.37
N GLU A 78 -24.80 11.48 -17.14
CA GLU A 78 -23.76 11.31 -16.11
C GLU A 78 -22.40 11.09 -16.76
N ALA A 79 -22.37 10.32 -17.87
CA ALA A 79 -21.12 10.06 -18.55
C ALA A 79 -20.55 11.39 -19.09
N VAL A 80 -21.42 12.24 -19.62
CA VAL A 80 -20.96 13.55 -20.11
C VAL A 80 -20.43 14.41 -18.96
N ALA A 81 -21.13 14.39 -17.82
CA ALA A 81 -20.76 15.18 -16.65
C ALA A 81 -19.37 14.76 -16.13
N LEU A 82 -19.08 13.46 -16.16
CA LEU A 82 -17.82 12.95 -15.62
C LEU A 82 -16.69 12.86 -16.66
N GLY A 83 -17.01 13.09 -17.93
CA GLY A 83 -16.00 13.09 -18.96
C GLY A 83 -15.70 11.72 -19.54
N ASP A 84 -16.60 10.77 -19.32
CA ASP A 84 -16.45 9.44 -19.93
C ASP A 84 -16.89 9.40 -21.41
N VAL A 85 -17.72 10.36 -21.78
CA VAL A 85 -18.15 10.50 -23.18
C VAL A 85 -18.14 12.00 -23.52
N GLN A 86 -17.77 12.35 -24.74
CA GLN A 86 -17.68 13.77 -25.14
C GLN A 86 -18.91 14.35 -25.83
N PHE A 87 -19.57 13.51 -26.62
CA PHE A 87 -20.78 13.90 -27.34
C PHE A 87 -21.91 12.87 -27.16
N ILE A 88 -23.12 13.36 -26.91
CA ILE A 88 -24.32 12.53 -26.97
C ILE A 88 -25.40 13.32 -27.70
N ALA A 89 -26.51 12.66 -28.02
CA ALA A 89 -27.64 13.36 -28.68
C ALA A 89 -28.98 12.77 -28.30
N PRO A 90 -29.38 12.99 -27.04
CA PRO A 90 -30.58 12.35 -26.54
C PRO A 90 -31.86 12.94 -27.16
N SER A 91 -32.88 12.12 -27.21
CA SER A 91 -34.23 12.60 -27.48
C SER A 91 -34.58 13.80 -26.56
N LEU A 92 -35.31 14.75 -27.11
CA LEU A 92 -35.71 15.93 -26.32
C LEU A 92 -36.72 15.62 -25.22
N SER A 93 -37.23 14.40 -25.22
CA SER A 93 -38.10 13.88 -24.14
C SER A 93 -37.35 13.43 -22.89
N LYS A 94 -36.03 13.51 -22.90
CA LYS A 94 -35.24 12.89 -21.83
C LYS A 94 -34.52 13.89 -20.93
N PHE A 95 -34.98 15.15 -20.93
CA PHE A 95 -34.28 16.20 -20.17
C PHE A 95 -35.02 16.78 -18.94
N ASP A 96 -36.16 16.20 -18.57
CA ASP A 96 -36.97 16.85 -17.52
C ASP A 96 -36.38 16.78 -16.10
N LYS A 97 -35.27 16.08 -15.92
CA LYS A 97 -34.54 16.14 -14.65
C LYS A 97 -33.51 17.29 -14.62
N PHE A 98 -33.39 18.01 -15.72
CA PHE A 98 -32.36 19.04 -15.83
C PHE A 98 -32.96 20.39 -16.09
N THR A 99 -34.13 20.39 -16.73
CA THR A 99 -34.88 21.62 -17.01
C THR A 99 -36.32 21.26 -17.26
N LYS A 100 -37.20 22.23 -17.07
CA LYS A 100 -38.63 22.08 -17.32
C LYS A 100 -39.13 22.75 -18.62
N GLN A 101 -38.21 23.32 -19.38
CA GLN A 101 -38.55 23.98 -20.65
C GLN A 101 -38.47 23.10 -21.91
N ILE A 102 -37.46 22.27 -22.02
CA ILE A 102 -37.32 21.40 -23.20
C ILE A 102 -38.47 20.41 -23.32
N GLN A 103 -39.12 20.07 -22.21
CA GLN A 103 -40.25 19.12 -22.24
C GLN A 103 -41.45 19.66 -23.05
N VAL A 104 -41.39 20.94 -23.43
CA VAL A 104 -42.38 21.44 -24.38
C VAL A 104 -42.50 20.56 -25.64
N PHE A 105 -41.40 19.92 -26.04
CA PHE A 105 -41.39 19.11 -27.29
C PHE A 105 -42.25 17.87 -27.19
N ASP A 106 -42.64 17.49 -25.97
CA ASP A 106 -43.39 16.26 -25.77
C ASP A 106 -44.91 16.43 -25.80
N LEU A 107 -45.37 17.69 -25.83
CA LEU A 107 -46.81 17.96 -25.78
C LEU A 107 -47.48 17.34 -27.01
N PRO A 108 -48.40 16.40 -26.78
CA PRO A 108 -48.94 15.64 -27.93
C PRO A 108 -49.70 16.53 -28.91
N PHE A 109 -49.50 16.31 -30.19
CA PHE A 109 -50.14 17.09 -31.24
C PHE A 109 -49.75 18.57 -31.23
N LEU A 110 -48.60 18.92 -30.64
CA LEU A 110 -48.18 20.32 -30.61
C LEU A 110 -47.79 20.76 -32.01
N PHE A 111 -47.03 19.90 -32.69
CA PHE A 111 -46.54 20.14 -34.04
C PHE A 111 -47.28 19.29 -35.06
N ASN A 112 -47.80 19.93 -36.11
CA ASN A 112 -48.53 19.22 -37.15
C ASN A 112 -47.59 18.31 -37.95
N ASP A 113 -46.40 18.81 -38.24
CA ASP A 113 -45.46 18.12 -39.12
C ASP A 113 -44.00 18.47 -38.79
N ILE A 114 -43.07 17.78 -39.44
CA ILE A 114 -41.66 18.03 -39.19
C ILE A 114 -41.21 19.46 -39.56
N ALA A 115 -41.88 20.08 -40.54
CA ALA A 115 -41.52 21.45 -40.93
C ALA A 115 -41.76 22.44 -39.77
N ALA A 116 -42.85 22.26 -39.02
CA ALA A 116 -43.11 23.14 -37.89
C ALA A 116 -42.06 22.91 -36.77
N VAL A 117 -41.74 21.65 -36.50
CA VAL A 117 -40.71 21.36 -35.52
C VAL A 117 -39.39 22.10 -35.81
N ASP A 118 -38.94 22.06 -37.07
CA ASP A 118 -37.71 22.71 -37.50
C ASP A 118 -37.79 24.26 -37.43
N ARG A 119 -38.95 24.84 -37.76
CA ARG A 119 -39.11 26.28 -37.66
C ARG A 119 -38.99 26.72 -36.21
N PHE A 120 -39.66 25.97 -35.33
CA PHE A 120 -39.59 26.26 -33.90
C PHE A 120 -38.15 26.17 -33.39
N GLN A 121 -37.45 25.10 -33.76
CA GLN A 121 -36.07 24.89 -33.32
C GLN A 121 -35.14 26.03 -33.80
N ALA A 122 -35.38 26.52 -35.01
CA ALA A 122 -34.54 27.56 -35.61
C ALA A 122 -34.78 29.00 -35.07
N GLY A 123 -35.98 29.26 -34.53
CA GLY A 123 -36.33 30.55 -33.95
C GLY A 123 -35.65 30.85 -32.63
N LYS A 124 -35.91 32.04 -32.10
CA LYS A 124 -35.24 32.55 -30.92
C LYS A 124 -35.46 31.67 -29.69
N GLN A 125 -36.72 31.33 -29.43
CA GLN A 125 -37.10 30.51 -28.28
C GLN A 125 -36.54 29.08 -28.37
N GLY A 126 -36.60 28.48 -29.54
CA GLY A 126 -36.02 27.16 -29.73
C GLY A 126 -34.52 27.17 -29.54
N GLN A 127 -33.83 28.19 -30.05
CA GLN A 127 -32.38 28.24 -29.93
C GLN A 127 -31.97 28.51 -28.49
N ALA A 128 -32.82 29.26 -27.77
CA ALA A 128 -32.56 29.54 -26.37
C ALA A 128 -32.48 28.26 -25.56
N LEU A 129 -33.25 27.24 -25.95
CA LEU A 129 -33.29 26.00 -25.19
C LEU A 129 -31.98 25.24 -25.21
N LEU A 130 -31.19 25.41 -26.27
CA LEU A 130 -29.81 24.88 -26.30
C LEU A 130 -28.96 25.35 -25.11
N ARG A 131 -29.31 26.49 -24.49
CA ARG A 131 -28.55 27.01 -23.35
C ARG A 131 -29.27 26.81 -22.02
N SER A 132 -30.43 26.14 -22.06
CA SER A 132 -31.29 25.99 -20.88
C SER A 132 -30.68 25.22 -19.70
N GLU A 134 -27.16 25.33 -19.03
CA GLU A 134 -25.82 25.87 -18.78
C GLU A 134 -25.46 25.96 -17.27
N SER A 135 -26.45 26.19 -16.41
CA SER A 135 -26.22 26.22 -14.97
C SER A 135 -25.82 24.83 -14.41
N LYS A 136 -26.10 23.78 -15.16
CA LYS A 136 -25.74 22.43 -14.77
C LYS A 136 -24.56 21.91 -15.62
N ASN A 137 -23.90 22.83 -16.29
CA ASN A 137 -22.70 22.53 -17.06
C ASN A 137 -22.96 21.58 -18.25
N PHE A 138 -24.16 21.65 -18.83
CA PHE A 138 -24.45 21.07 -20.14
C PHE A 138 -24.74 22.12 -21.20
N LEU A 139 -24.27 21.86 -22.42
CA LEU A 139 -24.49 22.79 -23.51
C LEU A 139 -24.98 22.05 -24.76
N GLY A 140 -26.08 22.51 -25.34
CA GLY A 140 -26.56 22.00 -26.60
C GLY A 140 -25.88 22.70 -27.76
N LEU A 141 -25.38 21.91 -28.70
CA LEU A 141 -24.65 22.43 -29.85
C LEU A 141 -25.54 22.58 -31.07
N ALA A 142 -26.55 21.73 -31.16
CA ALA A 142 -27.41 21.65 -32.32
C ALA A 142 -28.61 20.75 -32.02
N TYR A 143 -29.66 20.92 -32.82
CA TYR A 143 -30.74 19.96 -32.88
C TYR A 143 -30.50 19.05 -34.07
N TRP A 144 -30.77 17.75 -33.87
CA TRP A 144 -30.86 16.77 -34.96
C TRP A 144 -32.28 16.23 -35.05
N HIS A 145 -32.68 15.78 -36.25
CA HIS A 145 -34.02 15.29 -36.48
C HIS A 145 -34.05 13.77 -36.47
N ASN A 146 -35.16 13.20 -36.03
CA ASN A 146 -35.54 11.83 -36.44
C ASN A 146 -36.84 11.89 -37.26
N GLY A 147 -37.98 11.98 -36.58
CA GLY A 147 -39.25 12.12 -37.29
C GLY A 147 -40.43 12.13 -36.36
N LYS A 149 -43.73 10.54 -34.37
CA LYS A 149 -44.03 9.30 -33.64
C LYS A 149 -45.31 8.66 -34.15
N GLN A 150 -45.24 7.35 -34.32
CA GLN A 150 -46.39 6.53 -34.63
C GLN A 150 -46.69 5.72 -33.37
N ILE A 151 -47.92 5.26 -33.21
CA ILE A 151 -48.26 4.46 -32.05
C ILE A 151 -48.56 3.02 -32.51
N SER A 152 -48.29 2.03 -31.67
CA SER A 152 -48.49 0.63 -32.04
C SER A 152 -48.88 -0.19 -30.85
N ALA A 153 -49.51 -1.34 -31.12
CA ALA A 153 -49.76 -2.33 -30.07
C ALA A 153 -50.02 -3.62 -30.78
N ASN A 154 -50.65 -4.56 -30.09
CA ASN A 154 -51.04 -5.82 -30.70
C ASN A 154 -52.53 -5.88 -31.01
N ARG A 155 -53.11 -4.73 -31.26
CA ARG A 155 -54.47 -4.64 -31.75
C ARG A 155 -54.55 -3.30 -32.46
N PRO A 156 -55.49 -3.15 -33.40
CA PRO A 156 -55.66 -1.85 -34.01
C PRO A 156 -55.91 -0.75 -32.99
N LEU A 157 -55.18 0.36 -33.13
CA LEU A 157 -55.48 1.55 -32.37
C LEU A 157 -56.04 2.64 -33.31
N LEU A 158 -57.34 2.64 -33.52
CA LEU A 158 -57.97 3.57 -34.47
C LEU A 158 -58.64 4.72 -33.71
N LYS A 159 -59.07 4.44 -32.50
CA LYS A 159 -59.60 5.47 -31.62
C LYS A 159 -58.99 5.32 -30.24
N PRO A 160 -58.91 6.44 -29.50
CA PRO A 160 -58.22 6.57 -28.20
C PRO A 160 -58.75 5.58 -27.18
N GLU A 161 -60.03 5.28 -27.29
CA GLU A 161 -60.66 4.25 -26.46
C GLU A 161 -59.96 2.89 -26.60
N ASP A 162 -59.48 2.56 -27.81
CA ASP A 162 -58.84 1.26 -28.06
C ASP A 162 -57.59 1.11 -27.18
N ALA A 163 -57.04 2.22 -26.71
CA ALA A 163 -55.83 2.20 -25.89
C ALA A 163 -56.09 1.87 -24.42
N LYS A 164 -57.36 1.94 -23.99
CA LYS A 164 -57.69 1.71 -22.56
C LYS A 164 -57.16 0.39 -22.09
N GLY A 165 -56.57 0.41 -20.89
CA GLY A 165 -56.14 -0.81 -20.24
C GLY A 165 -54.85 -1.39 -20.77
N LEU A 166 -54.25 -0.79 -21.79
CA LEU A 166 -52.96 -1.26 -22.33
C LEU A 166 -51.75 -0.63 -21.66
N LYS A 167 -50.68 -1.40 -21.55
CA LYS A 167 -49.39 -0.92 -21.07
C LYS A 167 -48.52 -0.50 -22.24
N PHE A 168 -48.01 0.73 -22.16
CA PHE A 168 -47.21 1.32 -23.21
C PHE A 168 -45.85 1.67 -22.68
N ARG A 169 -44.80 1.22 -23.35
CA ARG A 169 -43.47 1.72 -23.03
C ARG A 169 -43.34 3.20 -23.41
N ILE A 170 -42.71 3.97 -22.53
CA ILE A 170 -42.43 5.37 -22.83
C ILE A 170 -40.99 5.73 -22.48
N GLN A 171 -40.49 6.78 -23.14
CA GLN A 171 -39.24 7.40 -22.74
C GLN A 171 -39.46 7.96 -21.33
N ALA A 172 -38.38 8.25 -20.61
CA ALA A 172 -38.47 8.77 -19.26
C ALA A 172 -38.91 10.25 -19.21
N SER A 173 -40.20 10.45 -19.39
CA SER A 173 -40.80 11.77 -19.47
C SER A 173 -42.12 11.84 -18.69
N ASP A 174 -42.27 12.85 -17.84
CA ASP A 174 -43.50 13.08 -17.07
C ASP A 174 -44.70 13.36 -17.98
N ILE A 175 -44.49 14.12 -19.04
CA ILE A 175 -45.55 14.46 -19.97
C ILE A 175 -46.01 13.24 -20.81
N LEU A 176 -45.08 12.37 -21.17
CA LEU A 176 -45.49 11.13 -21.87
C LEU A 176 -46.27 10.18 -20.94
N ALA A 177 -45.87 10.11 -19.67
CA ALA A 177 -46.63 9.35 -18.68
C ALA A 177 -48.04 9.93 -18.54
N ALA A 178 -48.17 11.24 -18.46
CA ALA A 178 -49.49 11.81 -18.26
C ALA A 178 -50.35 11.55 -19.50
N GLN A 179 -49.73 11.62 -20.68
CA GLN A 179 -50.42 11.39 -21.95
C GLN A 179 -51.07 10.01 -21.98
N PHE A 180 -50.34 8.98 -21.58
CA PHE A 180 -50.96 7.68 -21.53
C PHE A 180 -51.95 7.49 -20.36
N GLN A 181 -51.63 8.04 -19.20
CA GLN A 181 -52.59 8.04 -18.09
C GLN A 181 -53.93 8.63 -18.50
N GLY A 182 -53.88 9.67 -19.34
CA GLY A 182 -55.06 10.34 -19.84
C GLY A 182 -55.91 9.49 -20.77
N LEU A 183 -55.28 8.49 -21.38
CA LEU A 183 -56.01 7.52 -22.17
C LEU A 183 -56.45 6.33 -21.32
N ASN A 184 -56.38 6.48 -20.00
CA ASN A 184 -56.59 5.35 -19.12
C ASN A 184 -55.77 4.13 -19.52
N ALA A 185 -54.51 4.39 -19.89
CA ALA A 185 -53.52 3.37 -20.19
C ALA A 185 -52.45 3.46 -19.12
N THR A 186 -51.49 2.56 -19.14
CA THR A 186 -50.48 2.53 -18.11
C THR A 186 -49.08 2.70 -18.69
N PRO A 187 -48.46 3.87 -18.47
CA PRO A 187 -47.13 4.03 -19.04
C PRO A 187 -46.12 3.23 -18.26
N GLN A 188 -45.07 2.82 -18.94
CA GLN A 188 -43.96 2.17 -18.28
C GLN A 188 -42.68 2.71 -18.85
N LYS A 189 -41.91 3.33 -17.98
CA LYS A 189 -40.63 3.88 -18.39
C LYS A 189 -39.63 2.76 -18.59
N LEU A 190 -39.01 2.70 -19.77
CA LEU A 190 -37.95 1.71 -20.02
C LEU A 190 -36.91 2.29 -20.92
N ALA A 191 -35.67 1.82 -20.76
CA ALA A 191 -34.58 2.30 -21.61
C ALA A 191 -34.73 1.70 -23.00
N PHE A 192 -34.36 2.49 -23.99
CA PHE A 192 -34.63 2.16 -25.38
C PHE A 192 -34.15 0.76 -25.71
N SER A 193 -32.98 0.39 -25.17
CA SER A 193 -32.34 -0.88 -25.49
C SER A 193 -33.16 -2.09 -24.99
N GLU A 194 -34.07 -1.83 -24.07
CA GLU A 194 -34.84 -2.88 -23.45
C GLU A 194 -36.23 -3.03 -24.05
N VAL A 195 -36.62 -2.11 -24.92
CA VAL A 195 -37.99 -2.13 -25.47
C VAL A 195 -38.34 -3.40 -26.30
N TYR A 196 -37.50 -3.78 -27.26
CA TYR A 196 -37.81 -4.94 -28.09
C TYR A 196 -38.15 -6.17 -27.23
N GLN A 197 -37.29 -6.46 -26.26
CA GLN A 197 -37.51 -7.60 -25.37
C GLN A 197 -38.82 -7.49 -24.61
N ALA A 198 -39.13 -6.28 -24.16
CA ALA A 198 -40.36 -6.09 -23.40
C ALA A 198 -41.58 -6.41 -24.24
N LEU A 199 -41.59 -5.89 -25.46
CA LEU A 199 -42.69 -6.16 -26.40
C LEU A 199 -42.72 -7.64 -26.75
N GLN A 200 -41.56 -8.27 -26.87
CA GLN A 200 -41.48 -9.67 -27.34
C GLN A 200 -42.05 -10.70 -26.35
N VAL A 201 -41.78 -10.50 -25.05
CA VAL A 201 -42.34 -11.36 -23.98
C VAL A 201 -43.65 -10.82 -23.36
N GLY A 202 -44.05 -9.64 -23.77
CA GLY A 202 -45.38 -9.15 -23.42
C GLY A 202 -45.47 -8.43 -22.08
N THR A 203 -44.34 -7.91 -21.61
CA THR A 203 -44.35 -7.14 -20.37
C THR A 203 -44.90 -5.75 -20.62
N VAL A 204 -44.89 -5.33 -21.88
CA VAL A 204 -45.62 -4.16 -22.34
C VAL A 204 -46.37 -4.55 -23.65
N ASP A 205 -47.46 -3.87 -23.93
CA ASP A 205 -48.31 -4.16 -25.08
C ASP A 205 -48.02 -3.30 -26.30
N GLY A 206 -47.64 -2.04 -26.08
CA GLY A 206 -47.36 -1.14 -27.18
C GLY A 206 -46.29 -0.10 -26.89
N GLN A 207 -46.15 0.81 -27.84
CA GLN A 207 -45.09 1.79 -27.78
C GLN A 207 -45.37 2.87 -28.81
N GLU A 208 -44.60 3.96 -28.74
CA GLU A 208 -44.60 4.99 -29.77
C GLU A 208 -43.19 5.22 -30.27
N ASN A 209 -43.01 5.25 -31.59
CA ASN A 209 -41.72 5.66 -32.11
C ASN A 209 -41.79 6.03 -33.57
N THR A 210 -40.63 6.32 -34.16
CA THR A 210 -40.58 6.69 -35.56
C THR A 210 -40.40 5.44 -36.37
N TRP A 211 -40.77 5.53 -37.64
CA TRP A 211 -40.62 4.41 -38.57
C TRP A 211 -39.19 3.89 -38.56
N SER A 212 -38.23 4.79 -38.63
CA SER A 212 -36.81 4.40 -38.59
C SER A 212 -36.49 3.53 -37.41
N ASN A 213 -36.92 3.94 -36.22
CA ASN A 213 -36.63 3.13 -35.02
C ASN A 213 -37.43 1.83 -35.02
N ILE A 214 -38.67 1.93 -35.51
CA ILE A 214 -39.58 0.79 -35.47
C ILE A 214 -38.98 -0.31 -36.35
N PHE A 215 -38.41 0.05 -37.50
CA PHE A 215 -37.76 -0.95 -38.34
C PHE A 215 -36.41 -1.41 -37.79
N SER A 216 -35.55 -0.47 -37.43
CA SER A 216 -34.18 -0.86 -37.12
C SER A 216 -34.03 -1.61 -35.82
N GLN A 217 -34.98 -1.49 -34.89
CA GLN A 217 -34.90 -2.22 -33.63
C GLN A 217 -35.87 -3.40 -33.61
N LYS A 218 -36.55 -3.59 -34.73
CA LYS A 218 -37.42 -4.73 -34.97
C LYS A 218 -38.71 -4.76 -34.16
N PHE A 219 -39.14 -3.59 -33.70
CA PHE A 219 -40.43 -3.51 -33.00
C PHE A 219 -41.56 -4.02 -33.88
N TYR A 220 -41.45 -3.84 -35.19
CA TYR A 220 -42.53 -4.27 -36.09
C TYR A 220 -42.71 -5.78 -36.06
N GLU A 221 -41.69 -6.49 -35.63
CA GLU A 221 -41.77 -7.96 -35.63
C GLU A 221 -42.52 -8.46 -34.40
N VAL A 222 -42.74 -7.57 -33.43
CA VAL A 222 -43.41 -7.90 -32.18
C VAL A 222 -44.58 -6.97 -31.88
N GLN A 223 -45.08 -6.30 -32.92
CA GLN A 223 -46.26 -5.43 -32.83
C GLN A 223 -47.05 -5.66 -34.10
N LYS A 224 -48.30 -6.04 -34.00
CA LYS A 224 -48.98 -6.46 -35.20
C LYS A 224 -49.82 -5.35 -35.81
N ASP A 225 -50.03 -4.28 -35.07
CA ASP A 225 -50.73 -3.14 -35.60
C ASP A 225 -49.99 -1.83 -35.29
N ILE A 226 -49.68 -1.05 -36.33
CA ILE A 226 -49.06 0.29 -36.17
C ILE A 226 -49.97 1.32 -36.81
N THR A 227 -50.27 2.35 -36.06
CA THR A 227 -51.11 3.43 -36.57
C THR A 227 -50.28 4.65 -36.87
N GLU A 228 -50.41 5.20 -38.08
CA GLU A 228 -49.73 6.46 -38.44
C GLU A 228 -50.44 7.63 -37.79
N SER A 229 -50.14 7.85 -36.53
CA SER A 229 -50.82 8.88 -35.78
C SER A 229 -50.14 10.25 -35.91
N ASP A 230 -48.81 10.26 -36.05
CA ASP A 230 -48.05 11.52 -36.13
C ASP A 230 -48.39 12.44 -34.91
N HIS A 231 -48.47 11.85 -33.72
CA HIS A 231 -48.99 12.55 -32.55
C HIS A 231 -47.92 13.20 -31.69
N GLY A 232 -46.65 12.94 -31.99
CA GLY A 232 -45.54 13.63 -31.35
C GLY A 232 -44.32 13.56 -32.25
N VAL A 233 -43.16 13.83 -31.66
CA VAL A 233 -41.92 13.86 -32.41
C VAL A 233 -40.80 13.23 -31.58
N ILE A 234 -39.82 12.65 -32.25
CA ILE A 234 -38.54 12.33 -31.66
C ILE A 234 -37.52 13.15 -32.45
N ASP A 235 -36.98 14.17 -31.78
CA ASP A 235 -35.84 14.95 -32.31
C ASP A 235 -34.83 14.99 -31.19
N TYR A 236 -33.65 15.52 -31.45
CA TYR A 236 -32.52 15.37 -30.54
C TYR A 236 -31.83 16.68 -30.29
N VAL A 238 -27.87 17.69 -29.52
CA VAL A 238 -26.49 17.34 -29.35
C VAL A 238 -25.96 18.05 -28.10
N VAL A 239 -25.49 17.27 -27.15
CA VAL A 239 -25.06 17.80 -25.86
C VAL A 239 -23.61 17.50 -25.55
N VAL A 240 -22.94 18.49 -24.98
CA VAL A 240 -21.56 18.37 -24.47
C VAL A 240 -21.48 18.93 -23.02
N ASN A 241 -20.40 18.57 -22.34
CA ASN A 241 -19.98 19.23 -21.13
C ASN A 241 -19.46 20.65 -21.43
N ALA A 242 -20.13 21.69 -20.93
CA ALA A 242 -19.81 23.08 -21.33
C ALA A 242 -18.36 23.42 -20.99
N LYS A 243 -17.95 23.01 -19.79
CA LYS A 243 -16.58 23.27 -19.34
C LYS A 243 -15.59 22.62 -20.28
N TRP A 244 -15.80 21.33 -20.60
CA TRP A 244 -14.92 20.66 -21.55
C TRP A 244 -14.84 21.41 -22.89
N TRP A 245 -16.01 21.76 -23.44
CA TRP A 245 -16.11 22.32 -24.80
C TRP A 245 -15.45 23.69 -24.89
N ASN A 246 -15.68 24.49 -23.85
CA ASN A 246 -15.20 25.85 -23.80
C ASN A 246 -13.73 25.91 -23.42
N GLY A 247 -13.20 24.79 -22.93
CA GLY A 247 -11.79 24.71 -22.56
C GLY A 247 -10.89 24.26 -23.70
N LEU A 248 -11.48 23.83 -24.81
CA LEU A 248 -10.72 23.38 -25.96
C LEU A 248 -9.97 24.52 -26.62
N SER A 249 -8.82 24.24 -27.21
CA SER A 249 -8.10 25.27 -27.97
C SER A 249 -8.99 25.78 -29.09
N LYS A 250 -8.79 27.03 -29.51
CA LYS A 250 -9.61 27.63 -30.55
C LYS A 250 -9.60 26.79 -31.81
N ASP A 251 -8.42 26.30 -32.21
CA ASP A 251 -8.29 25.50 -33.42
C ASP A 251 -9.01 24.13 -33.38
N LEU A 252 -9.02 23.44 -32.24
CA LEU A 252 -9.75 22.17 -32.16
C LEU A 252 -11.25 22.44 -32.09
N GLN A 253 -11.66 23.43 -31.31
CA GLN A 253 -13.07 23.71 -31.18
C GLN A 253 -13.68 24.17 -32.51
N ASP A 254 -12.95 24.96 -33.29
CA ASP A 254 -13.42 25.38 -34.62
C ASP A 254 -13.52 24.19 -35.59
N ALA A 255 -12.55 23.30 -35.55
CA ALA A 255 -12.61 22.13 -36.43
C ALA A 255 -13.87 21.30 -36.15
N LYS A 257 -16.52 22.22 -34.54
CA LYS A 257 -17.72 23.02 -34.77
C LYS A 257 -18.09 22.95 -36.26
N LYS A 258 -17.07 23.06 -37.12
CA LYS A 258 -17.27 22.91 -38.56
C LYS A 258 -17.84 21.53 -38.91
N ALA A 259 -17.22 20.47 -38.38
CA ALA A 259 -17.73 19.11 -38.56
C ALA A 259 -19.18 18.93 -38.09
N ASP A 261 -21.71 21.26 -37.75
CA ASP A 261 -22.61 21.97 -38.63
C ASP A 261 -22.88 21.15 -39.89
N GLU A 262 -21.82 20.54 -40.43
CA GLU A 262 -21.94 19.80 -41.68
C GLU A 262 -22.65 18.47 -41.43
N ALA A 263 -22.35 17.84 -40.31
CA ALA A 263 -23.09 16.63 -39.91
C ALA A 263 -24.58 16.97 -39.64
N THR A 264 -24.84 18.14 -39.08
CA THR A 264 -26.23 18.55 -38.88
C THR A 264 -26.95 18.70 -40.22
N LYS A 265 -26.24 19.07 -41.28
CA LYS A 265 -26.87 19.27 -42.58
C LYS A 265 -27.16 17.91 -43.27
N VAL A 266 -26.26 16.96 -43.11
CA VAL A 266 -26.54 15.60 -43.50
C VAL A 266 -27.76 15.05 -42.75
N ASN A 267 -27.80 15.20 -41.43
CA ASN A 267 -28.98 14.77 -40.69
C ASN A 267 -30.29 15.38 -41.26
N ASN A 268 -30.28 16.65 -41.60
CA ASN A 268 -31.51 17.29 -42.06
C ASN A 268 -31.91 16.78 -43.46
N ASP A 269 -30.90 16.44 -44.28
CA ASP A 269 -31.11 15.88 -45.61
C ASP A 269 -31.60 14.43 -45.63
N VAL A 270 -31.17 13.62 -44.66
CA VAL A 270 -31.48 12.18 -44.73
C VAL A 270 -32.65 11.74 -43.83
N ALA A 271 -32.99 12.52 -42.81
CA ALA A 271 -34.01 12.07 -41.83
C ALA A 271 -35.34 11.65 -42.48
N GLY A 272 -35.90 12.50 -43.32
CA GLY A 272 -37.17 12.20 -43.98
C GLY A 272 -37.11 10.95 -44.84
N LYS A 273 -36.06 10.82 -45.65
CA LYS A 273 -36.02 9.70 -46.60
C LYS A 273 -35.84 8.39 -45.85
N LEU A 274 -35.03 8.43 -44.79
CA LEU A 274 -34.78 7.24 -43.98
C LEU A 274 -36.06 6.77 -43.32
N ASN A 275 -36.87 7.69 -42.80
CA ASN A 275 -38.15 7.24 -42.26
C ASN A 275 -39.10 6.70 -43.32
N ASP A 276 -39.23 7.37 -44.46
CA ASP A 276 -40.07 6.85 -45.55
C ASP A 276 -39.65 5.43 -45.94
N GLU A 277 -38.33 5.24 -46.08
CA GLU A 277 -37.79 3.97 -46.49
C GLU A 277 -38.05 2.90 -45.43
N ALA A 278 -37.89 3.26 -44.16
CA ALA A 278 -38.27 2.35 -43.06
C ALA A 278 -39.74 1.93 -43.09
N LYS A 279 -40.61 2.90 -43.26
CA LYS A 279 -42.05 2.58 -43.35
C LYS A 279 -42.31 1.54 -44.43
N GLN A 280 -41.70 1.73 -45.59
CA GLN A 280 -41.92 0.81 -46.72
C GLN A 280 -41.42 -0.60 -46.41
N LYS A 281 -40.31 -0.71 -45.69
CA LYS A 281 -39.75 -2.01 -45.35
C LYS A 281 -40.64 -2.75 -44.38
N ILE A 282 -41.15 -2.02 -43.40
CA ILE A 282 -42.11 -2.58 -42.49
C ILE A 282 -43.32 -3.08 -43.26
N ALA A 283 -43.86 -2.22 -44.12
CA ALA A 283 -45.05 -2.59 -44.91
C ALA A 283 -44.83 -3.84 -45.77
N SER A 284 -43.69 -3.87 -46.45
CA SER A 284 -43.35 -4.94 -47.36
C SER A 284 -43.10 -6.28 -46.66
N SER A 285 -42.78 -6.25 -45.36
CA SER A 285 -42.43 -7.45 -44.59
C SER A 285 -43.64 -8.35 -44.34
N GLY A 286 -44.82 -7.75 -44.30
CA GLY A 286 -46.06 -8.48 -44.01
C GLY A 286 -46.27 -8.75 -42.52
N ALA A 287 -45.22 -8.60 -41.71
CA ALA A 287 -45.26 -8.89 -40.28
C ALA A 287 -46.20 -8.00 -39.47
N SER A 288 -46.47 -6.80 -39.97
CA SER A 288 -47.33 -5.88 -39.24
C SER A 288 -48.38 -5.31 -40.19
N LYS A 289 -49.41 -4.68 -39.66
CA LYS A 289 -50.44 -4.02 -40.45
C LYS A 289 -50.27 -2.50 -40.16
N ILE A 290 -50.18 -1.66 -41.19
CA ILE A 290 -50.15 -0.21 -40.99
C ILE A 290 -51.55 0.38 -41.21
N HIS A 291 -52.02 1.15 -40.22
CA HIS A 291 -53.34 1.78 -40.25
C HIS A 291 -53.28 3.30 -40.40
N GLN A 292 -54.11 3.84 -41.27
CA GLN A 292 -54.19 5.30 -41.48
C GLN A 292 -55.44 5.84 -40.83
N LEU A 293 -55.29 6.89 -40.03
CA LEU A 293 -56.44 7.50 -39.35
C LEU A 293 -57.23 8.36 -40.32
N THR A 294 -58.50 8.58 -40.00
CA THR A 294 -59.26 9.62 -40.69
C THR A 294 -59.48 10.83 -39.79
N PRO A 295 -59.45 12.04 -40.40
CA PRO A 295 -59.96 13.27 -39.81
C PRO A 295 -60.76 13.08 -38.52
N GLU A 296 -61.83 12.30 -38.53
CA GLU A 296 -62.65 12.18 -37.30
C GLU A 296 -61.97 11.33 -36.22
N GLN A 297 -61.23 10.31 -36.64
CA GLN A 297 -60.48 9.49 -35.71
C GLN A 297 -59.36 10.36 -35.13
N ARG A 298 -58.63 11.06 -36.00
CA ARG A 298 -57.53 11.91 -35.55
C ARG A 298 -57.99 13.01 -34.61
N LYS A 299 -59.06 13.70 -35.02
CA LYS A 299 -59.65 14.75 -34.19
C LYS A 299 -59.98 14.23 -32.78
N GLN A 300 -60.54 13.03 -32.69
CA GLN A 300 -60.73 12.34 -31.42
C GLN A 300 -59.43 12.11 -30.61
N TRP A 301 -58.36 11.68 -31.29
CA TRP A 301 -57.08 11.48 -30.61
C TRP A 301 -56.57 12.81 -30.07
N VAL A 302 -56.72 13.88 -30.86
CA VAL A 302 -56.32 15.21 -30.42
C VAL A 302 -57.07 15.59 -29.15
N GLU A 303 -58.40 15.42 -29.13
CA GLU A 303 -59.19 15.86 -27.96
C GLU A 303 -58.78 15.09 -26.72
N ALA A 304 -58.51 13.80 -26.90
CA ALA A 304 -58.21 12.92 -25.79
C ALA A 304 -56.81 13.19 -25.17
N LYS A 306 -55.11 16.47 -25.47
CA LYS A 306 -54.89 17.91 -25.21
C LYS A 306 -54.94 18.32 -23.71
N PRO A 307 -55.76 17.65 -22.90
CA PRO A 307 -55.78 18.09 -21.50
C PRO A 307 -54.42 18.01 -20.84
N VAL A 308 -53.53 17.15 -21.36
CA VAL A 308 -52.18 17.05 -20.82
C VAL A 308 -51.49 18.41 -20.78
N TRP A 309 -51.76 19.23 -21.80
CA TRP A 309 -51.08 20.53 -21.90
C TRP A 309 -51.31 21.41 -20.65
N ALA A 310 -52.57 21.54 -20.23
CA ALA A 310 -52.97 22.39 -19.10
C ALA A 310 -52.25 22.00 -17.82
N LYS A 311 -52.08 20.70 -17.62
CA LYS A 311 -51.28 20.21 -16.50
C LYS A 311 -49.82 20.69 -16.47
N PHE A 312 -49.22 21.01 -17.62
CA PHE A 312 -47.79 21.36 -17.64
C PHE A 312 -47.50 22.81 -18.10
N GLU A 313 -48.56 23.53 -18.41
CA GLU A 313 -48.45 24.90 -18.90
C GLU A 313 -47.61 25.81 -18.01
N SER A 314 -47.86 25.76 -16.70
CA SER A 314 -47.18 26.66 -15.77
C SER A 314 -45.72 26.32 -15.64
N ALA A 315 -45.43 25.04 -15.65
CA ALA A 315 -44.05 24.57 -15.54
C ALA A 315 -43.23 24.91 -16.79
N ILE A 316 -43.87 24.86 -17.95
CA ILE A 316 -43.16 25.10 -19.18
C ILE A 316 -43.06 26.61 -19.43
N GLY A 317 -44.18 27.29 -19.23
CA GLY A 317 -44.29 28.70 -19.53
C GLY A 317 -45.18 28.90 -20.73
N LYS A 318 -46.30 29.59 -20.55
CA LYS A 318 -47.27 29.75 -21.63
C LYS A 318 -46.63 30.34 -22.89
N ASP A 319 -45.77 31.33 -22.73
CA ASP A 319 -45.16 31.99 -23.89
C ASP A 319 -44.35 31.04 -24.77
N LEU A 320 -43.66 30.09 -24.15
CA LEU A 320 -42.86 29.13 -24.90
C LEU A 320 -43.79 28.20 -25.65
N ILE A 321 -44.86 27.80 -24.97
CA ILE A 321 -45.84 26.95 -25.60
C ILE A 321 -46.47 27.69 -26.78
N ASP A 322 -46.81 28.97 -26.59
CA ASP A 322 -47.43 29.72 -27.67
C ASP A 322 -46.49 29.87 -28.89
N ALA A 323 -45.19 29.99 -28.64
CA ALA A 323 -44.24 30.13 -29.73
C ALA A 323 -44.17 28.83 -30.48
N ALA A 324 -44.23 27.71 -29.77
CA ALA A 324 -44.19 26.42 -30.45
C ALA A 324 -45.44 26.29 -31.34
N VAL A 325 -46.59 26.53 -30.73
CA VAL A 325 -47.87 26.50 -31.44
C VAL A 325 -47.84 27.33 -32.70
N ALA A 326 -47.29 28.53 -32.59
CA ALA A 326 -47.21 29.46 -33.71
C ALA A 326 -46.25 29.00 -34.79
N SER A 327 -45.37 28.05 -34.48
CA SER A 327 -44.43 27.58 -35.49
C SER A 327 -45.15 26.76 -36.57
N ASN A 328 -46.39 26.38 -36.30
CA ASN A 328 -47.15 25.63 -37.30
C ASN A 328 -47.64 26.55 -38.40
N ASP A 329 -47.65 26.04 -39.61
CA ASP A 329 -48.02 26.82 -40.77
C ASP A 329 -48.74 25.86 -41.70
N THR A 330 -50.00 26.17 -41.98
CA THR A 330 -50.81 25.36 -42.89
C THR A 330 -51.18 26.18 -44.11
N LYS A 331 -50.88 25.65 -45.29
CA LYS A 331 -51.30 26.28 -46.53
C LYS A 331 -52.79 26.58 -46.53
N THR A 332 -53.16 27.61 -47.26
CA THR A 332 -54.56 28.02 -47.37
C THR A 332 -55.53 26.91 -47.77
N ASN A 333 -56.64 26.84 -47.02
CA ASN A 333 -57.79 25.97 -47.28
C ASN A 333 -58.11 24.95 -46.18
N GLN B 25 -8.77 14.61 -11.42
CA GLN B 25 -7.95 14.57 -12.63
C GLN B 25 -6.45 14.46 -12.26
N PRO B 26 -6.13 13.59 -11.30
CA PRO B 26 -4.71 13.51 -10.97
C PRO B 26 -3.93 12.88 -12.13
N ILE B 27 -2.66 13.18 -12.21
CA ILE B 27 -1.83 12.53 -13.22
C ILE B 27 -1.30 11.27 -12.58
N VAL B 28 -1.58 10.13 -13.17
CA VAL B 28 -1.12 8.87 -12.64
C VAL B 28 0.31 8.56 -13.17
N VAL B 29 1.21 8.29 -12.26
CA VAL B 29 2.61 7.98 -12.53
C VAL B 29 2.84 6.59 -11.93
N LYS B 30 3.40 5.67 -12.71
CA LYS B 30 3.59 4.33 -12.21
C LYS B 30 5.06 3.96 -12.02
N PHE B 31 5.35 3.25 -10.92
CA PHE B 31 6.68 2.84 -10.53
C PHE B 31 6.63 1.34 -10.37
N SER B 32 7.30 0.59 -11.24
CA SER B 32 7.29 -0.85 -11.11
C SER B 32 8.69 -1.38 -10.74
N HIS B 33 8.72 -2.43 -9.94
CA HIS B 33 9.93 -3.15 -9.62
C HIS B 33 9.56 -4.60 -9.27
N VAL B 34 10.61 -5.41 -9.03
CA VAL B 34 10.53 -6.87 -8.87
C VAL B 34 10.79 -7.39 -7.46
N VAL B 35 11.09 -6.50 -6.53
CA VAL B 35 11.30 -6.88 -5.11
C VAL B 35 10.08 -6.72 -4.20
N ALA B 36 10.23 -7.22 -2.96
CA ALA B 36 9.18 -7.09 -1.97
C ALA B 36 9.12 -5.65 -1.41
N ASP B 37 8.01 -5.27 -0.78
CA ASP B 37 7.91 -3.92 -0.20
C ASP B 37 8.91 -3.70 0.94
N ASN B 38 9.10 -4.72 1.78
CA ASN B 38 9.98 -4.53 2.95
C ASN B 38 11.44 -4.80 2.58
N THR B 39 11.98 -3.97 1.68
CA THR B 39 13.36 -4.09 1.21
C THR B 39 13.87 -2.67 0.92
N PRO B 40 15.17 -2.54 0.69
CA PRO B 40 15.82 -1.28 0.33
C PRO B 40 15.17 -0.56 -0.83
N LYS B 41 14.91 -1.25 -1.91
CA LYS B 41 14.25 -0.63 -3.06
C LYS B 41 12.78 -0.45 -2.79
N GLY B 42 12.13 -1.44 -2.20
CA GLY B 42 10.71 -1.36 -1.93
C GLY B 42 10.35 -0.21 -1.02
N GLN B 43 11.11 -0.04 0.06
CA GLN B 43 10.85 1.06 0.98
C GLN B 43 11.19 2.44 0.34
N ALA B 44 12.20 2.53 -0.51
CA ALA B 44 12.48 3.82 -1.15
C ALA B 44 11.33 4.22 -2.11
N ALA B 45 10.76 3.26 -2.82
CA ALA B 45 9.72 3.52 -3.82
C ALA B 45 8.44 4.03 -3.12
N ILE B 46 8.13 3.43 -1.95
CA ILE B 46 7.00 3.86 -1.13
C ILE B 46 7.24 5.26 -0.60
N LYS B 47 8.48 5.56 -0.22
CA LYS B 47 8.81 6.92 0.25
C LYS B 47 8.69 7.93 -0.88
N PHE B 48 9.16 7.58 -2.07
CA PHE B 48 9.03 8.45 -3.22
C PHE B 48 7.55 8.73 -3.49
N LYS B 49 6.70 7.69 -3.43
CA LYS B 49 5.25 7.85 -3.59
C LYS B 49 4.68 8.84 -2.57
N GLU B 50 5.06 8.67 -1.30
CA GLU B 50 4.51 9.50 -0.22
C GLU B 50 4.84 10.95 -0.52
N LEU B 51 6.09 11.24 -0.85
CA LEU B 51 6.56 12.61 -1.00
C LEU B 51 6.16 13.25 -2.31
N ALA B 52 6.07 12.45 -3.38
CA ALA B 52 5.67 12.97 -4.69
C ALA B 52 4.24 13.48 -4.60
N GLU B 53 3.38 12.69 -3.95
CA GLU B 53 1.98 13.05 -3.76
C GLU B 53 1.83 14.27 -2.82
N LYS B 54 2.64 14.35 -1.78
CA LYS B 54 2.63 15.51 -0.89
C LYS B 54 3.16 16.81 -1.58
N TYR B 55 4.35 16.76 -2.18
CA TYR B 55 4.94 17.95 -2.81
C TYR B 55 4.19 18.45 -4.06
N THR B 56 3.41 17.59 -4.69
CA THR B 56 2.54 18.04 -5.79
C THR B 56 1.13 18.37 -5.30
N ASN B 57 0.93 18.40 -3.99
CA ASN B 57 -0.41 18.56 -3.43
C ASN B 57 -1.47 17.70 -4.08
N GLY B 58 -1.14 16.44 -4.41
CA GLY B 58 -2.13 15.56 -5.00
C GLY B 58 -2.33 15.67 -6.50
N LYS B 59 -1.63 16.58 -7.17
CA LYS B 59 -1.71 16.67 -8.62
C LYS B 59 -1.24 15.38 -9.27
N VAL B 60 -0.24 14.76 -8.66
CA VAL B 60 0.29 13.48 -9.12
C VAL B 60 -0.02 12.36 -8.14
N LYS B 61 -0.42 11.22 -8.68
CA LYS B 61 -0.69 9.99 -7.90
C LYS B 61 0.31 8.92 -8.34
N VAL B 62 1.11 8.41 -7.41
CA VAL B 62 2.12 7.41 -7.76
C VAL B 62 1.67 6.03 -7.33
N GLU B 63 1.53 5.15 -8.30
CA GLU B 63 1.11 3.78 -8.06
C GLU B 63 2.35 2.90 -8.09
N VAL B 64 2.65 2.26 -6.96
CA VAL B 64 3.82 1.39 -6.89
C VAL B 64 3.42 -0.08 -7.02
N TYR B 65 4.08 -0.80 -7.94
CA TYR B 65 3.83 -2.22 -8.20
C TYR B 65 5.06 -3.04 -7.88
N PRO B 66 5.10 -3.61 -6.65
CA PRO B 66 6.22 -4.47 -6.26
C PRO B 66 6.09 -5.85 -6.89
N ASN B 67 7.10 -6.68 -6.66
CA ASN B 67 7.05 -8.10 -7.00
C ASN B 67 6.65 -8.48 -8.43
N SER B 68 6.97 -7.62 -9.37
CA SER B 68 6.77 -7.89 -10.80
C SER B 68 5.28 -7.98 -11.13
N GLN B 69 4.43 -7.39 -10.30
N GLN B 69 4.45 -7.40 -10.27
CA GLN B 69 2.99 -7.49 -10.54
CA GLN B 69 2.99 -7.41 -10.46
C GLN B 69 2.55 -6.73 -11.79
C GLN B 69 2.59 -6.74 -11.77
N LEU B 70 3.27 -5.66 -12.14
CA LEU B 70 2.95 -4.94 -13.37
C LEU B 70 3.92 -5.34 -14.49
N PHE B 71 5.21 -5.18 -14.25
CA PHE B 71 6.23 -5.60 -15.21
C PHE B 71 7.39 -6.17 -14.40
N GLY B 72 8.04 -7.16 -14.99
CA GLY B 72 9.23 -7.76 -14.39
C GLY B 72 10.44 -7.42 -15.21
N ASP B 73 11.51 -8.18 -15.01
CA ASP B 73 12.78 -7.97 -15.69
C ASP B 73 12.62 -7.90 -17.22
N ALA B 74 11.88 -8.82 -17.80
CA ALA B 74 11.85 -8.95 -19.28
C ALA B 74 11.31 -7.72 -20.02
N LYS B 75 10.30 -7.05 -19.47
CA LYS B 75 9.59 -6.00 -20.20
C LYS B 75 9.70 -4.60 -19.61
N GLU B 76 10.31 -4.41 -18.43
CA GLU B 76 10.27 -3.08 -17.82
C GLU B 76 10.93 -1.99 -18.70
N GLU B 78 11.14 -1.79 -21.91
CA GLU B 78 10.19 -1.54 -23.02
C GLU B 78 9.03 -0.70 -22.48
N ALA B 79 8.59 -1.03 -21.27
CA ALA B 79 7.48 -0.35 -20.67
C ALA B 79 7.80 1.13 -20.46
N VAL B 80 9.02 1.42 -20.07
CA VAL B 80 9.47 2.81 -19.96
C VAL B 80 9.53 3.52 -21.32
N ALA B 81 10.05 2.83 -22.33
CA ALA B 81 10.18 3.38 -23.67
C ALA B 81 8.79 3.70 -24.22
N LEU B 82 7.80 2.89 -23.88
CA LEU B 82 6.44 3.10 -24.40
C LEU B 82 5.54 4.01 -23.56
N GLY B 83 5.97 4.35 -22.36
CA GLY B 83 5.18 5.16 -21.45
C GLY B 83 4.19 4.36 -20.60
N ASP B 84 4.30 3.04 -20.54
CA ASP B 84 3.37 2.25 -19.70
C ASP B 84 3.79 2.28 -18.23
N VAL B 85 5.02 2.73 -18.01
CA VAL B 85 5.50 2.93 -16.67
C VAL B 85 6.48 4.10 -16.70
N GLN B 86 6.51 4.88 -15.62
CA GLN B 86 7.25 6.15 -15.58
C GLN B 86 8.59 5.99 -14.85
N PHE B 87 8.64 5.12 -13.85
CA PHE B 87 9.86 4.95 -13.05
C PHE B 87 10.12 3.46 -12.88
N ILE B 88 11.40 3.08 -13.01
CA ILE B 88 11.83 1.71 -12.72
C ILE B 88 13.19 1.87 -12.05
N ALA B 89 13.72 0.81 -11.45
CA ALA B 89 15.03 0.90 -10.78
C ALA B 89 15.73 -0.45 -10.81
N PRO B 90 16.16 -0.86 -12.02
CA PRO B 90 16.75 -2.18 -12.23
C PRO B 90 18.13 -2.29 -11.61
N SER B 91 18.49 -3.52 -11.22
CA SER B 91 19.87 -3.88 -10.90
C SER B 91 20.81 -3.37 -11.98
N LEU B 92 22.00 -2.95 -11.56
CA LEU B 92 22.98 -2.39 -12.48
C LEU B 92 23.54 -3.48 -13.40
N SER B 93 23.25 -4.73 -13.04
CA SER B 93 23.61 -5.90 -13.86
C SER B 93 22.72 -6.14 -15.07
N LYS B 94 21.68 -5.34 -15.25
CA LYS B 94 20.67 -5.60 -16.28
C LYS B 94 20.63 -4.66 -17.48
N PHE B 95 21.76 -4.02 -17.73
CA PHE B 95 21.87 -3.01 -18.76
C PHE B 95 22.84 -3.34 -19.93
N ASP B 96 23.31 -4.57 -20.09
CA ASP B 96 24.34 -4.84 -21.12
C ASP B 96 23.80 -4.89 -22.58
N LYS B 97 22.49 -4.74 -22.75
CA LYS B 97 21.91 -4.53 -24.09
C LYS B 97 21.81 -3.07 -24.47
N PHE B 98 22.17 -2.16 -23.56
CA PHE B 98 21.98 -0.73 -23.79
C PHE B 98 23.29 0.03 -23.76
N THR B 99 24.25 -0.55 -23.08
CA THR B 99 25.57 0.05 -22.90
C THR B 99 26.50 -1.02 -22.36
N LYS B 100 27.79 -0.84 -22.63
CA LYS B 100 28.81 -1.75 -22.16
C LYS B 100 29.62 -1.19 -21.01
N GLN B 101 29.23 -0.03 -20.49
CA GLN B 101 29.99 0.57 -19.39
C GLN B 101 29.44 0.26 -17.99
N ILE B 102 28.12 0.25 -17.84
CA ILE B 102 27.51 -0.01 -16.53
C ILE B 102 27.84 -1.42 -15.99
N GLN B 103 28.04 -2.37 -16.90
CA GLN B 103 28.39 -3.73 -16.49
C GLN B 103 29.68 -3.78 -15.65
N VAL B 104 30.40 -2.67 -15.55
CA VAL B 104 31.54 -2.59 -14.63
C VAL B 104 31.17 -2.99 -13.19
N PHE B 105 29.95 -2.67 -12.77
CA PHE B 105 29.50 -3.01 -11.40
C PHE B 105 29.39 -4.52 -11.14
N ASP B 106 29.36 -5.33 -12.19
CA ASP B 106 29.18 -6.79 -12.05
C ASP B 106 30.47 -7.52 -11.79
N LEU B 107 31.61 -6.86 -11.92
CA LEU B 107 32.88 -7.58 -11.80
C LEU B 107 33.00 -8.06 -10.36
N PRO B 108 33.22 -9.36 -10.19
CA PRO B 108 33.33 -9.98 -8.88
C PRO B 108 34.52 -9.46 -8.08
N PHE B 109 34.26 -9.23 -6.79
CA PHE B 109 35.23 -8.74 -5.84
C PHE B 109 35.81 -7.37 -6.22
N LEU B 110 35.05 -6.61 -7.02
CA LEU B 110 35.45 -5.24 -7.32
C LEU B 110 35.34 -4.32 -6.11
N PHE B 111 34.20 -4.36 -5.42
CA PHE B 111 33.97 -3.53 -4.25
C PHE B 111 34.05 -4.35 -2.95
N ASN B 112 34.77 -3.80 -1.96
CA ASN B 112 34.86 -4.45 -0.65
C ASN B 112 33.57 -4.29 0.10
N ASP B 113 32.91 -3.15 -0.06
CA ASP B 113 31.66 -2.92 0.63
C ASP B 113 30.81 -1.85 -0.03
N ILE B 114 29.64 -1.63 0.54
CA ILE B 114 28.71 -0.64 0.04
C ILE B 114 29.31 0.77 0.04
N ALA B 115 30.12 1.10 1.04
CA ALA B 115 30.76 2.41 1.14
C ALA B 115 31.61 2.73 -0.11
N ALA B 116 32.31 1.72 -0.59
CA ALA B 116 33.17 1.91 -1.74
C ALA B 116 32.28 2.04 -2.95
N VAL B 117 31.21 1.24 -3.02
CA VAL B 117 30.30 1.33 -4.16
C VAL B 117 29.77 2.75 -4.21
N ASP B 118 29.43 3.26 -3.04
CA ASP B 118 28.81 4.57 -2.92
C ASP B 118 29.76 5.70 -3.35
N ARG B 119 31.03 5.57 -2.98
CA ARG B 119 32.07 6.51 -3.43
C ARG B 119 32.21 6.47 -4.96
N PHE B 120 32.22 5.27 -5.53
CA PHE B 120 32.32 5.17 -6.97
C PHE B 120 31.13 5.81 -7.65
N GLN B 121 29.92 5.52 -7.14
CA GLN B 121 28.72 6.09 -7.74
C GLN B 121 28.73 7.64 -7.67
N ALA B 122 29.26 8.20 -6.59
CA ALA B 122 29.27 9.66 -6.41
C ALA B 122 30.31 10.37 -7.27
N GLY B 123 31.39 9.67 -7.59
CA GLY B 123 32.48 10.24 -8.37
C GLY B 123 32.12 10.47 -9.83
N LYS B 124 33.09 10.96 -10.60
CA LYS B 124 32.83 11.42 -11.96
C LYS B 124 32.42 10.28 -12.91
N GLN B 125 33.05 9.12 -12.80
CA GLN B 125 32.68 8.00 -13.67
C GLN B 125 31.26 7.56 -13.33
N GLY B 126 30.96 7.54 -12.03
CA GLY B 126 29.65 7.12 -11.61
C GLY B 126 28.56 8.04 -12.12
N GLN B 127 28.82 9.36 -12.05
CA GLN B 127 27.87 10.36 -12.47
C GLN B 127 27.69 10.34 -14.00
N ALA B 128 28.79 10.07 -14.71
CA ALA B 128 28.71 9.97 -16.17
C ALA B 128 27.82 8.76 -16.56
N LEU B 129 27.87 7.71 -15.78
CA LEU B 129 27.10 6.52 -16.15
C LEU B 129 25.57 6.77 -16.13
N LEU B 130 25.10 7.72 -15.30
CA LEU B 130 23.67 8.03 -15.26
C LEU B 130 23.15 8.53 -16.60
N ARG B 131 24.06 9.04 -17.44
CA ARG B 131 23.70 9.58 -18.76
C ARG B 131 24.17 8.66 -19.89
N SER B 132 24.64 7.48 -19.54
CA SER B 132 25.27 6.60 -20.51
C SER B 132 24.28 6.09 -21.54
N GLU B 134 21.44 7.99 -22.55
CA GLU B 134 20.64 9.12 -23.00
C GLU B 134 20.35 9.08 -24.51
N SER B 135 21.31 8.63 -25.30
CA SER B 135 21.11 8.55 -26.75
C SER B 135 20.03 7.56 -27.14
N LYS B 136 19.70 6.63 -26.24
CA LYS B 136 18.61 5.68 -26.48
C LYS B 136 17.36 6.05 -25.66
N ASN B 137 17.35 7.27 -25.14
CA ASN B 137 16.17 7.84 -24.46
C ASN B 137 15.88 7.32 -23.05
N PHE B 138 16.94 6.88 -22.36
CA PHE B 138 16.89 6.49 -20.96
C PHE B 138 17.83 7.38 -20.14
N LEU B 139 17.34 7.87 -19.00
CA LEU B 139 18.12 8.79 -18.15
C LEU B 139 18.09 8.23 -16.74
N GLY B 140 19.25 8.12 -16.12
CA GLY B 140 19.33 7.66 -14.75
C GLY B 140 19.23 8.85 -13.84
N LEU B 141 18.40 8.78 -12.81
CA LEU B 141 18.22 9.92 -11.94
C LEU B 141 19.01 9.81 -10.67
N ALA B 142 19.29 8.58 -10.25
CA ALA B 142 19.87 8.33 -8.95
C ALA B 142 20.34 6.90 -8.91
N TYR B 143 21.25 6.62 -7.99
CA TYR B 143 21.62 5.30 -7.61
C TYR B 143 20.94 4.92 -6.31
N TRP B 144 20.40 3.71 -6.22
CA TRP B 144 19.89 3.17 -4.94
C TRP B 144 20.65 1.90 -4.57
N HIS B 145 20.74 1.60 -3.27
CA HIS B 145 21.52 0.46 -2.80
C HIS B 145 20.66 -0.69 -2.41
N ASN B 146 21.18 -1.92 -2.52
CA ASN B 146 20.61 -3.05 -1.79
C ASN B 146 21.73 -3.56 -0.85
N GLY B 147 22.66 -4.35 -1.38
CA GLY B 147 23.75 -4.84 -0.54
C GLY B 147 24.66 -5.78 -1.30
N LYS B 149 26.31 -9.40 -2.54
CA LYS B 149 25.79 -10.71 -2.94
C LYS B 149 26.36 -11.91 -2.15
N GLN B 150 25.50 -12.88 -1.85
CA GLN B 150 25.93 -14.09 -1.18
C GLN B 150 25.58 -15.27 -2.09
N ILE B 151 26.43 -16.29 -2.14
CA ILE B 151 26.19 -17.44 -3.02
C ILE B 151 25.50 -18.53 -2.26
N SER B 152 24.61 -19.27 -2.90
CA SER B 152 23.92 -20.36 -2.19
C SER B 152 23.68 -21.54 -3.08
N ALA B 153 23.44 -22.67 -2.43
CA ALA B 153 23.00 -23.86 -3.08
C ALA B 153 22.37 -24.79 -2.03
N ASN B 154 22.17 -26.06 -2.39
CA ASN B 154 21.80 -27.10 -1.41
C ASN B 154 22.90 -28.02 -0.88
N ARG B 155 24.14 -27.58 -1.08
CA ARG B 155 25.31 -28.16 -0.45
C ARG B 155 26.20 -27.01 0.00
N PRO B 156 27.07 -27.25 0.98
CA PRO B 156 27.98 -26.21 1.47
C PRO B 156 28.90 -25.73 0.37
N LEU B 157 29.04 -24.42 0.19
CA LEU B 157 29.96 -23.85 -0.81
C LEU B 157 31.03 -23.07 -0.13
N LEU B 158 32.11 -23.74 0.19
CA LEU B 158 33.19 -23.17 0.96
C LEU B 158 34.46 -22.89 0.12
N LYS B 159 34.72 -23.73 -0.89
CA LYS B 159 35.74 -23.42 -1.89
C LYS B 159 35.17 -23.46 -3.29
N PRO B 160 35.73 -22.66 -4.20
CA PRO B 160 35.21 -22.55 -5.57
C PRO B 160 34.94 -23.89 -6.22
N GLU B 161 35.73 -24.88 -5.87
CA GLU B 161 35.58 -26.21 -6.44
C GLU B 161 34.20 -26.83 -6.15
N ASP B 162 33.58 -26.44 -5.05
CA ASP B 162 32.29 -27.02 -4.63
C ASP B 162 31.16 -26.65 -5.60
N ALA B 163 31.40 -25.62 -6.42
CA ALA B 163 30.39 -25.10 -7.36
C ALA B 163 30.44 -25.86 -8.66
N LYS B 164 31.47 -26.66 -8.85
CA LYS B 164 31.63 -27.37 -10.12
C LYS B 164 30.41 -28.18 -10.50
N GLY B 165 29.94 -28.01 -11.74
CA GLY B 165 28.88 -28.85 -12.23
C GLY B 165 27.47 -28.44 -11.82
N LEU B 166 27.31 -27.39 -11.00
CA LEU B 166 25.99 -26.95 -10.55
C LEU B 166 25.40 -25.95 -11.53
N LYS B 167 24.08 -25.81 -11.52
CA LYS B 167 23.41 -24.80 -12.31
C LYS B 167 23.07 -23.64 -11.39
N PHE B 168 23.47 -22.44 -11.80
CA PHE B 168 23.16 -21.24 -11.03
C PHE B 168 22.34 -20.26 -11.84
N ARG B 169 21.23 -19.78 -11.25
CA ARG B 169 20.45 -18.71 -11.83
C ARG B 169 21.29 -17.41 -11.75
N ILE B 170 21.26 -16.64 -12.83
CA ILE B 170 21.87 -15.31 -12.84
C ILE B 170 20.89 -14.32 -13.43
N GLN B 171 21.09 -13.04 -13.11
CA GLN B 171 20.50 -11.95 -13.84
C GLN B 171 21.04 -12.00 -15.26
N ALA B 172 20.34 -11.35 -16.19
CA ALA B 172 20.71 -11.40 -17.61
C ALA B 172 21.96 -10.54 -17.87
N SER B 173 23.12 -11.13 -17.60
CA SER B 173 24.40 -10.42 -17.60
C SER B 173 25.48 -11.35 -18.15
N ASP B 174 26.20 -10.88 -19.17
CA ASP B 174 27.32 -11.60 -19.76
C ASP B 174 28.46 -11.81 -18.78
N ILE B 175 28.72 -10.80 -17.96
CA ILE B 175 29.79 -10.91 -16.97
C ILE B 175 29.44 -11.94 -15.88
N LEU B 176 28.19 -11.99 -15.46
CA LEU B 176 27.82 -13.00 -14.46
C LEU B 176 27.80 -14.40 -15.10
N ALA B 177 27.46 -14.50 -16.39
CA ALA B 177 27.53 -15.77 -17.08
C ALA B 177 28.98 -16.27 -17.07
N ALA B 178 29.92 -15.43 -17.47
CA ALA B 178 31.33 -15.80 -17.49
C ALA B 178 31.88 -16.17 -16.09
N GLN B 179 31.49 -15.40 -15.08
CA GLN B 179 31.83 -15.69 -13.71
C GLN B 179 31.60 -17.16 -13.37
N PHE B 180 30.41 -17.66 -13.66
CA PHE B 180 30.07 -19.03 -13.28
C PHE B 180 30.67 -20.04 -14.25
N GLN B 181 30.79 -19.68 -15.54
CA GLN B 181 31.48 -20.54 -16.51
C GLN B 181 32.94 -20.79 -16.07
N GLY B 182 33.56 -19.80 -15.45
CA GLY B 182 34.93 -19.89 -14.99
C GLY B 182 35.09 -20.74 -13.74
N LEU B 183 33.97 -20.98 -13.06
CA LEU B 183 33.90 -21.95 -11.97
C LEU B 183 33.50 -23.35 -12.46
N ASN B 184 33.48 -23.54 -13.78
CA ASN B 184 33.07 -24.81 -14.35
C ASN B 184 31.65 -25.12 -13.91
N ALA B 185 30.84 -24.08 -13.83
CA ALA B 185 29.42 -24.25 -13.52
C ALA B 185 28.60 -23.71 -14.68
N THR B 186 27.28 -23.80 -14.56
CA THR B 186 26.37 -23.59 -15.69
C THR B 186 25.39 -22.50 -15.30
N PRO B 187 25.57 -21.31 -15.87
CA PRO B 187 24.69 -20.19 -15.62
C PRO B 187 23.40 -20.33 -16.42
N GLN B 188 22.29 -19.89 -15.85
CA GLN B 188 21.03 -19.90 -16.57
C GLN B 188 20.34 -18.59 -16.25
N LYS B 189 20.02 -17.82 -17.29
CA LYS B 189 19.39 -16.52 -17.08
C LYS B 189 17.93 -16.80 -16.86
N LEU B 190 17.38 -16.23 -15.79
CA LEU B 190 15.96 -16.37 -15.48
C LEU B 190 15.51 -15.09 -14.82
N ALA B 191 14.31 -14.65 -15.13
CA ALA B 191 13.66 -13.52 -14.47
C ALA B 191 13.55 -13.74 -12.96
N PHE B 192 13.70 -12.65 -12.20
CA PHE B 192 13.71 -12.71 -10.73
C PHE B 192 12.48 -13.41 -10.18
N SER B 193 11.31 -13.14 -10.76
CA SER B 193 10.06 -13.74 -10.26
C SER B 193 10.03 -15.26 -10.43
N GLU B 194 10.91 -15.79 -11.27
CA GLU B 194 10.90 -17.22 -11.52
C GLU B 194 11.88 -18.01 -10.64
N VAL B 195 12.65 -17.33 -9.79
CA VAL B 195 13.78 -18.00 -9.10
C VAL B 195 13.33 -19.03 -8.06
N TYR B 196 12.34 -18.68 -7.23
CA TYR B 196 11.90 -19.59 -6.17
C TYR B 196 11.51 -20.99 -6.74
N GLN B 197 10.56 -20.99 -7.68
CA GLN B 197 10.07 -22.22 -8.27
C GLN B 197 11.19 -22.97 -8.95
N ALA B 198 12.09 -22.23 -9.59
CA ALA B 198 13.21 -22.87 -10.29
C ALA B 198 14.08 -23.63 -9.27
N LEU B 199 14.26 -23.05 -8.08
CA LEU B 199 15.11 -23.68 -7.04
C LEU B 199 14.33 -24.83 -6.43
N GLN B 200 13.01 -24.66 -6.40
CA GLN B 200 12.17 -25.64 -5.74
C GLN B 200 12.20 -26.98 -6.46
N VAL B 201 12.25 -26.95 -7.79
CA VAL B 201 12.22 -28.20 -8.55
C VAL B 201 13.55 -28.55 -9.20
N GLY B 202 14.58 -27.76 -8.93
CA GLY B 202 15.93 -28.05 -9.42
C GLY B 202 16.21 -27.62 -10.85
N THR B 203 15.40 -26.73 -11.38
CA THR B 203 15.73 -26.15 -12.67
C THR B 203 17.11 -25.53 -12.56
N VAL B 204 17.39 -24.99 -11.38
CA VAL B 204 18.74 -24.58 -11.03
C VAL B 204 19.03 -25.05 -9.64
N ASP B 205 20.32 -25.19 -9.36
CA ASP B 205 20.79 -25.74 -8.11
C ASP B 205 21.07 -24.66 -7.08
N GLY B 206 21.46 -23.48 -7.56
CA GLY B 206 21.82 -22.38 -6.68
C GLY B 206 21.70 -21.02 -7.32
N GLN B 207 22.12 -20.00 -6.58
CA GLN B 207 21.91 -18.63 -7.02
C GLN B 207 22.78 -17.70 -6.17
N GLU B 208 22.73 -16.41 -6.47
CA GLU B 208 23.49 -15.41 -5.75
C GLU B 208 22.57 -14.24 -5.49
N ASN B 209 22.54 -13.77 -4.25
CA ASN B 209 21.72 -12.59 -3.95
C ASN B 209 21.98 -11.98 -2.58
N THR B 210 21.28 -10.89 -2.30
CA THR B 210 21.39 -10.23 -0.99
C THR B 210 20.52 -10.92 0.04
N TRP B 211 20.86 -10.76 1.33
CA TRP B 211 20.11 -11.34 2.42
C TRP B 211 18.69 -10.90 2.31
N SER B 212 18.51 -9.62 2.02
CA SER B 212 17.19 -9.03 1.91
C SER B 212 16.33 -9.77 0.89
N ASN B 213 16.89 -10.04 -0.30
CA ASN B 213 16.09 -10.69 -1.35
C ASN B 213 15.96 -12.16 -0.98
N ILE B 214 16.99 -12.72 -0.35
CA ILE B 214 16.97 -14.16 -0.01
C ILE B 214 15.88 -14.43 1.00
N PHE B 215 15.73 -13.53 1.97
CA PHE B 215 14.71 -13.65 3.01
C PHE B 215 13.33 -13.37 2.46
N SER B 216 13.17 -12.20 1.87
CA SER B 216 11.85 -11.75 1.46
C SER B 216 11.23 -12.62 0.34
N GLN B 217 12.05 -13.28 -0.48
CA GLN B 217 11.51 -14.12 -1.56
C GLN B 217 11.54 -15.59 -1.17
N LYS B 218 11.98 -15.86 0.06
CA LYS B 218 11.99 -17.19 0.66
C LYS B 218 12.94 -18.16 -0.06
N PHE B 219 13.94 -17.61 -0.75
CA PHE B 219 14.96 -18.48 -1.35
C PHE B 219 15.57 -19.37 -0.27
N TYR B 220 15.61 -18.89 0.97
CA TYR B 220 16.23 -19.68 2.03
C TYR B 220 15.43 -20.94 2.34
N GLU B 221 14.15 -21.05 1.94
CA GLU B 221 13.38 -22.27 2.19
C GLU B 221 13.73 -23.35 1.18
N VAL B 222 14.44 -22.98 0.11
CA VAL B 222 14.78 -23.88 -0.97
C VAL B 222 16.29 -23.91 -1.24
N GLN B 223 17.05 -23.35 -0.31
CA GLN B 223 18.51 -23.37 -0.33
C GLN B 223 18.99 -23.58 1.11
N LYS B 224 19.48 -24.78 1.38
CA LYS B 224 19.93 -25.22 2.71
C LYS B 224 21.26 -24.59 3.13
N ASP B 225 22.09 -24.14 2.19
CA ASP B 225 23.45 -23.66 2.50
C ASP B 225 23.72 -22.36 1.76
N ILE B 226 23.92 -21.29 2.51
CA ILE B 226 24.27 -19.99 1.92
C ILE B 226 25.61 -19.65 2.48
N THR B 227 26.50 -19.11 1.66
CA THR B 227 27.83 -18.78 2.15
C THR B 227 27.94 -17.27 2.15
N GLU B 228 28.43 -16.70 3.24
CA GLU B 228 28.63 -15.24 3.32
C GLU B 228 29.91 -14.86 2.56
N SER B 229 29.78 -14.69 1.26
CA SER B 229 30.91 -14.47 0.36
C SER B 229 31.15 -12.96 0.00
N ASP B 230 30.11 -12.12 0.05
CA ASP B 230 30.21 -10.68 -0.31
C ASP B 230 30.98 -10.50 -1.63
N HIS B 231 30.64 -11.32 -2.60
CA HIS B 231 31.47 -11.42 -3.79
C HIS B 231 31.07 -10.47 -4.93
N GLY B 232 30.01 -9.70 -4.73
CA GLY B 232 29.48 -8.84 -5.76
C GLY B 232 28.44 -7.95 -5.08
N VAL B 233 27.73 -7.16 -5.87
CA VAL B 233 26.77 -6.25 -5.30
C VAL B 233 25.51 -6.24 -6.15
N ILE B 234 24.39 -5.97 -5.48
CA ILE B 234 23.18 -5.59 -6.14
C ILE B 234 22.93 -4.17 -5.69
N ASP B 235 23.01 -3.27 -6.68
CA ASP B 235 22.65 -1.87 -6.53
C ASP B 235 21.82 -1.50 -7.76
N TYR B 236 21.21 -0.33 -7.72
CA TYR B 236 20.22 0.06 -8.71
C TYR B 236 20.47 1.43 -9.35
N VAL B 238 17.89 4.22 -10.84
CA VAL B 238 16.52 4.61 -11.05
C VAL B 238 16.50 5.24 -12.45
N VAL B 239 15.60 4.75 -13.29
CA VAL B 239 15.61 5.10 -14.70
C VAL B 239 14.23 5.61 -15.16
N VAL B 240 14.28 6.62 -16.03
N VAL B 240 14.26 6.71 -15.92
CA VAL B 240 13.10 7.30 -16.54
CA VAL B 240 13.06 7.26 -16.56
C VAL B 240 13.29 7.61 -18.02
C VAL B 240 13.29 7.40 -18.06
N ASN B 241 12.20 7.59 -18.78
CA ASN B 241 12.19 7.98 -20.17
C ASN B 241 12.62 9.45 -20.26
N ALA B 242 13.75 9.69 -20.92
CA ALA B 242 14.33 11.03 -20.93
C ALA B 242 13.40 12.10 -21.47
N LYS B 243 12.78 11.81 -22.60
CA LYS B 243 11.88 12.76 -23.21
C LYS B 243 10.68 13.05 -22.31
N TRP B 244 10.16 12.02 -21.64
CA TRP B 244 9.05 12.22 -20.73
C TRP B 244 9.46 13.18 -19.60
N TRP B 245 10.61 12.92 -19.01
CA TRP B 245 11.06 13.63 -17.83
C TRP B 245 11.35 15.08 -18.17
N ASN B 246 12.02 15.29 -19.30
CA ASN B 246 12.42 16.61 -19.73
C ASN B 246 11.24 17.39 -20.23
N GLY B 247 10.13 16.70 -20.44
CA GLY B 247 8.92 17.34 -20.93
C GLY B 247 7.90 17.66 -19.84
N LEU B 248 8.23 17.35 -18.60
CA LEU B 248 7.33 17.68 -17.49
C LEU B 248 7.33 19.19 -17.25
N SER B 249 6.18 19.68 -16.81
CA SER B 249 6.08 21.01 -16.27
C SER B 249 7.06 21.08 -15.08
N LYS B 250 7.78 22.20 -14.99
CA LYS B 250 8.81 22.42 -13.97
C LYS B 250 8.27 22.17 -12.56
N ASP B 251 7.04 22.59 -12.28
CA ASP B 251 6.55 22.40 -10.92
C ASP B 251 6.48 20.91 -10.58
N LEU B 252 6.09 20.09 -11.55
CA LEU B 252 6.01 18.67 -11.29
C LEU B 252 7.41 18.09 -11.25
N GLN B 253 8.29 18.60 -12.11
CA GLN B 253 9.63 18.04 -12.19
C GLN B 253 10.42 18.39 -10.93
N ASP B 254 10.25 19.60 -10.42
CA ASP B 254 10.92 20.00 -9.16
C ASP B 254 10.41 19.14 -8.01
N ALA B 255 9.11 18.93 -7.95
CA ALA B 255 8.55 18.23 -6.79
C ALA B 255 9.05 16.78 -6.79
N LYS B 257 11.78 15.59 -8.19
CA LYS B 257 13.22 15.52 -7.99
C LYS B 257 13.50 15.67 -6.51
N LYS B 258 12.72 16.52 -5.85
CA LYS B 258 12.85 16.69 -4.41
C LYS B 258 12.46 15.37 -3.73
N ALA B 259 11.33 14.78 -4.14
CA ALA B 259 10.84 13.50 -3.55
C ALA B 259 11.86 12.37 -3.76
N ASP B 261 15.22 12.75 -4.30
CA ASP B 261 16.39 13.02 -3.44
C ASP B 261 16.15 12.54 -2.01
N GLU B 262 14.98 12.84 -1.46
CA GLU B 262 14.66 12.42 -0.10
C GLU B 262 14.44 10.88 0.02
N ALA B 263 13.88 10.25 -1.01
CA ALA B 263 13.70 8.79 -1.04
C ALA B 263 15.05 8.07 -1.21
N THR B 264 15.96 8.71 -1.91
CA THR B 264 17.31 8.13 -2.02
C THR B 264 18.04 8.18 -0.67
N LYS B 265 17.84 9.25 0.08
CA LYS B 265 18.45 9.33 1.39
C LYS B 265 17.91 8.22 2.31
N VAL B 266 16.61 7.99 2.26
CA VAL B 266 16.00 6.91 3.04
C VAL B 266 16.53 5.55 2.60
N ASN B 267 16.67 5.35 1.28
CA ASN B 267 17.27 4.12 0.79
C ASN B 267 18.66 3.92 1.45
N ASN B 268 19.45 4.98 1.49
CA ASN B 268 20.80 4.88 2.05
C ASN B 268 20.77 4.60 3.57
N ASP B 269 19.71 5.05 4.22
CA ASP B 269 19.58 4.91 5.67
C ASP B 269 19.18 3.48 6.05
N VAL B 270 18.37 2.82 5.22
CA VAL B 270 17.79 1.54 5.61
C VAL B 270 18.43 0.30 4.98
N ALA B 271 19.26 0.48 3.96
CA ALA B 271 19.70 -0.67 3.18
C ALA B 271 20.55 -1.61 4.03
N GLY B 272 21.57 -1.07 4.69
CA GLY B 272 22.45 -1.91 5.51
C GLY B 272 21.61 -2.61 6.57
N LYS B 273 20.77 -1.84 7.23
CA LYS B 273 19.95 -2.37 8.31
C LYS B 273 19.03 -3.49 7.87
N LEU B 274 18.32 -3.30 6.76
CA LEU B 274 17.37 -4.31 6.29
C LEU B 274 18.13 -5.61 5.91
N ASN B 275 19.27 -5.51 5.26
CA ASN B 275 20.03 -6.74 4.99
C ASN B 275 20.53 -7.42 6.29
N ASP B 276 21.01 -6.63 7.26
CA ASP B 276 21.39 -7.19 8.57
C ASP B 276 20.24 -7.93 9.26
N GLU B 277 19.04 -7.34 9.23
CA GLU B 277 17.89 -7.97 9.81
C GLU B 277 17.53 -9.24 9.08
N ALA B 278 17.62 -9.20 7.75
CA ALA B 278 17.31 -10.39 6.95
C ALA B 278 18.25 -11.56 7.28
N LYS B 279 19.54 -11.27 7.31
CA LYS B 279 20.53 -12.31 7.65
C LYS B 279 20.18 -13.00 8.99
N GLN B 280 19.85 -12.18 9.98
CA GLN B 280 19.52 -12.65 11.31
C GLN B 280 18.30 -13.56 11.23
N LYS B 281 17.31 -13.13 10.46
CA LYS B 281 16.04 -13.84 10.38
C LYS B 281 16.28 -15.18 9.68
N ILE B 282 17.09 -15.18 8.62
CA ILE B 282 17.42 -16.40 7.94
C ILE B 282 18.14 -17.34 8.90
N ALA B 283 19.13 -16.82 9.61
CA ALA B 283 19.89 -17.62 10.58
C ALA B 283 19.05 -18.23 11.68
N SER B 284 18.07 -17.47 12.16
CA SER B 284 17.16 -17.92 13.22
C SER B 284 16.08 -18.93 12.77
N SER B 285 15.75 -18.97 11.47
CA SER B 285 14.67 -19.81 11.01
C SER B 285 14.94 -21.30 11.17
N GLY B 286 16.21 -21.69 11.18
CA GLY B 286 16.55 -23.11 11.16
C GLY B 286 16.43 -23.83 9.82
N ALA B 287 15.93 -23.16 8.78
CA ALA B 287 15.77 -23.80 7.46
C ALA B 287 17.06 -23.85 6.65
N SER B 288 17.99 -22.97 6.96
CA SER B 288 19.19 -22.83 6.13
C SER B 288 20.41 -22.52 7.01
N LYS B 289 21.58 -23.01 6.63
CA LYS B 289 22.79 -22.73 7.38
C LYS B 289 23.58 -21.64 6.64
N ILE B 290 23.96 -20.58 7.35
CA ILE B 290 24.84 -19.54 6.80
C ILE B 290 26.29 -19.84 7.14
N HIS B 291 27.07 -20.11 6.10
CA HIS B 291 28.49 -20.47 6.27
C HIS B 291 29.44 -19.27 6.18
N GLN B 292 30.50 -19.36 6.98
CA GLN B 292 31.49 -18.33 7.15
C GLN B 292 32.76 -18.71 6.42
N LEU B 293 33.44 -17.71 5.87
CA LEU B 293 34.72 -17.94 5.21
C LEU B 293 35.81 -17.24 5.99
N THR B 294 36.92 -17.92 6.25
CA THR B 294 38.08 -17.22 6.80
C THR B 294 38.72 -16.36 5.70
N PRO B 295 39.56 -15.40 6.07
CA PRO B 295 40.26 -14.65 5.02
C PRO B 295 40.90 -15.59 3.96
N GLU B 296 41.46 -16.72 4.37
CA GLU B 296 42.14 -17.60 3.43
C GLU B 296 41.14 -18.29 2.50
N GLN B 297 39.99 -18.65 3.04
CA GLN B 297 38.95 -19.26 2.21
C GLN B 297 38.46 -18.24 1.20
N ARG B 298 38.28 -17.01 1.66
CA ARG B 298 37.81 -15.97 0.76
C ARG B 298 38.80 -15.74 -0.41
N LYS B 299 40.10 -15.69 -0.12
CA LYS B 299 41.09 -15.45 -1.17
C LYS B 299 40.95 -16.48 -2.29
N GLN B 300 40.57 -17.71 -1.98
CA GLN B 300 40.43 -18.75 -3.01
C GLN B 300 39.35 -18.43 -4.02
N TRP B 301 38.22 -17.91 -3.56
CA TRP B 301 37.15 -17.46 -4.47
C TRP B 301 37.63 -16.24 -5.30
N VAL B 302 38.38 -15.34 -4.67
CA VAL B 302 38.81 -14.13 -5.36
C VAL B 302 39.67 -14.55 -6.55
N GLU B 303 40.67 -15.38 -6.30
CA GLU B 303 41.56 -15.86 -7.35
C GLU B 303 40.80 -16.59 -8.45
N ALA B 304 39.78 -17.35 -8.08
CA ALA B 304 39.04 -18.16 -9.03
C ALA B 304 38.12 -17.30 -9.90
N LYS B 306 38.58 -13.70 -10.44
CA LYS B 306 39.07 -12.47 -11.06
C LYS B 306 39.52 -12.62 -12.50
N PRO B 307 39.73 -13.85 -12.99
CA PRO B 307 40.01 -13.98 -14.43
C PRO B 307 38.93 -13.39 -15.31
N VAL B 308 37.68 -13.30 -14.86
CA VAL B 308 36.64 -12.74 -15.70
C VAL B 308 36.99 -11.30 -16.11
N TRP B 309 37.66 -10.53 -15.25
CA TRP B 309 37.86 -9.11 -15.49
C TRP B 309 38.63 -8.85 -16.78
N ALA B 310 39.71 -9.60 -16.95
CA ALA B 310 40.56 -9.49 -18.10
C ALA B 310 39.77 -9.65 -19.38
N LYS B 311 38.75 -10.51 -19.37
CA LYS B 311 37.94 -10.79 -20.55
C LYS B 311 37.03 -9.63 -20.95
N PHE B 312 36.77 -8.72 -20.01
CA PHE B 312 35.85 -7.63 -20.26
C PHE B 312 36.51 -6.25 -20.18
N GLU B 313 37.83 -6.23 -19.98
CA GLU B 313 38.55 -4.98 -19.69
C GLU B 313 38.47 -4.00 -20.85
N SER B 314 38.64 -4.49 -22.08
CA SER B 314 38.62 -3.58 -23.23
C SER B 314 37.19 -3.16 -23.56
N ALA B 315 36.21 -4.03 -23.34
CA ALA B 315 34.82 -3.64 -23.57
C ALA B 315 34.36 -2.54 -22.61
N ILE B 316 34.79 -2.62 -21.36
CA ILE B 316 34.37 -1.69 -20.30
C ILE B 316 35.21 -0.42 -20.34
N GLY B 317 36.52 -0.58 -20.44
CA GLY B 317 37.42 0.55 -20.41
C GLY B 317 38.25 0.44 -19.15
N LYS B 318 39.57 0.33 -19.34
CA LYS B 318 40.47 0.07 -18.22
C LYS B 318 40.44 1.20 -17.20
N ASP B 319 40.25 2.42 -17.68
CA ASP B 319 40.25 3.58 -16.78
C ASP B 319 39.05 3.51 -15.87
N LEU B 320 37.99 2.88 -16.36
CA LEU B 320 36.75 2.85 -15.65
C LEU B 320 36.89 1.84 -14.51
N ILE B 321 37.44 0.69 -14.86
CA ILE B 321 37.71 -0.34 -13.88
C ILE B 321 38.70 0.16 -12.83
N ASP B 322 39.71 0.89 -13.28
CA ASP B 322 40.71 1.44 -12.38
C ASP B 322 40.09 2.43 -11.36
N ALA B 323 39.19 3.28 -11.83
CA ALA B 323 38.48 4.18 -10.92
C ALA B 323 37.69 3.39 -9.88
N ALA B 324 37.14 2.25 -10.28
CA ALA B 324 36.31 1.45 -9.38
C ALA B 324 37.16 0.81 -8.32
N VAL B 325 38.26 0.18 -8.74
CA VAL B 325 39.23 -0.39 -7.80
C VAL B 325 39.67 0.64 -6.75
N ALA B 326 40.05 1.83 -7.21
CA ALA B 326 40.51 2.91 -6.35
C ALA B 326 39.44 3.41 -5.39
N SER B 327 38.18 3.12 -5.66
CA SER B 327 37.11 3.62 -4.80
C SER B 327 37.15 2.93 -3.43
N ASN B 328 37.85 1.81 -3.33
CA ASN B 328 38.01 1.13 -2.04
C ASN B 328 39.01 1.84 -1.10
N GLN C 25 -2.04 -9.05 -15.20
CA GLN C 25 -2.23 -7.62 -14.98
C GLN C 25 -3.13 -7.33 -13.78
N PRO C 26 -2.70 -6.40 -12.92
CA PRO C 26 -3.48 -6.07 -11.71
C PRO C 26 -4.76 -5.34 -12.05
N ILE C 27 -5.80 -5.66 -11.31
CA ILE C 27 -7.08 -4.98 -11.39
C ILE C 27 -7.03 -3.76 -10.48
N VAL C 28 -7.16 -2.59 -11.08
CA VAL C 28 -7.13 -1.36 -10.32
C VAL C 28 -8.50 -0.99 -9.77
N VAL C 29 -8.52 -0.72 -8.49
CA VAL C 29 -9.75 -0.43 -7.76
C VAL C 29 -9.56 0.89 -7.08
N LYS C 30 -10.45 1.84 -7.32
CA LYS C 30 -10.25 3.18 -6.82
C LYS C 30 -11.26 3.46 -5.71
N PHE C 31 -10.78 4.14 -4.69
CA PHE C 31 -11.56 4.50 -3.52
C PHE C 31 -11.40 6.00 -3.47
N SER C 32 -12.49 6.78 -3.61
CA SER C 32 -12.37 8.24 -3.50
C SER C 32 -13.14 8.74 -2.30
N HIS C 33 -12.67 9.85 -1.72
CA HIS C 33 -13.37 10.49 -0.61
C HIS C 33 -12.88 11.95 -0.46
N VAL C 34 -13.53 12.71 0.44
CA VAL C 34 -13.36 14.17 0.48
C VAL C 34 -12.56 14.71 1.66
N VAL C 35 -12.13 13.82 2.52
CA VAL C 35 -11.39 14.20 3.71
C VAL C 35 -9.91 13.88 3.64
N ALA C 36 -9.18 14.40 4.61
CA ALA C 36 -7.73 14.22 4.69
C ALA C 36 -7.37 12.80 5.11
N ASP C 37 -6.12 12.40 4.84
CA ASP C 37 -5.67 11.05 5.21
C ASP C 37 -5.75 10.78 6.72
N ASN C 38 -5.37 11.77 7.55
CA ASN C 38 -5.32 11.58 9.02
C ASN C 38 -6.65 11.90 9.68
N THR C 39 -7.67 11.13 9.33
CA THR C 39 -9.02 11.29 9.85
C THR C 39 -9.59 9.90 10.06
N PRO C 40 -10.78 9.81 10.66
CA PRO C 40 -11.36 8.47 10.83
C PRO C 40 -11.62 7.74 9.49
N LYS C 41 -12.07 8.49 8.49
CA LYS C 41 -12.35 7.88 7.21
C LYS C 41 -11.06 7.67 6.42
N GLY C 42 -10.20 8.70 6.39
CA GLY C 42 -8.92 8.60 5.74
C GLY C 42 -8.09 7.40 6.18
N GLN C 43 -7.99 7.17 7.49
CA GLN C 43 -7.19 6.05 8.03
C GLN C 43 -7.79 4.69 7.65
N ALA C 44 -9.11 4.61 7.64
CA ALA C 44 -9.78 3.35 7.37
C ALA C 44 -9.62 2.99 5.90
N ALA C 45 -9.71 4.00 5.02
CA ALA C 45 -9.49 3.78 3.57
C ALA C 45 -8.06 3.26 3.28
N ILE C 46 -7.07 3.84 3.95
CA ILE C 46 -5.69 3.38 3.80
C ILE C 46 -5.56 1.95 4.33
N LYS C 47 -6.21 1.64 5.44
CA LYS C 47 -6.15 0.29 6.00
C LYS C 47 -6.73 -0.72 5.00
N PHE C 48 -7.87 -0.37 4.39
CA PHE C 48 -8.51 -1.22 3.42
C PHE C 48 -7.59 -1.43 2.22
N LYS C 49 -6.95 -0.37 1.76
CA LYS C 49 -5.94 -0.51 0.70
C LYS C 49 -4.96 -1.61 1.09
N GLU C 50 -4.43 -1.52 2.31
CA GLU C 50 -3.33 -2.38 2.74
C GLU C 50 -3.73 -3.82 2.73
N LEU C 51 -4.90 -4.10 3.26
CA LEU C 51 -5.31 -5.49 3.47
C LEU C 51 -5.87 -6.09 2.19
N ALA C 52 -6.55 -5.28 1.38
CA ALA C 52 -7.11 -5.81 0.15
C ALA C 52 -5.93 -6.26 -0.73
N GLU C 53 -4.86 -5.46 -0.74
CA GLU C 53 -3.69 -5.80 -1.55
C GLU C 53 -3.03 -7.07 -0.99
N LYS C 54 -2.94 -7.15 0.34
CA LYS C 54 -2.38 -8.31 1.02
C LYS C 54 -3.24 -9.58 0.82
N TYR C 55 -4.55 -9.47 0.98
CA TYR C 55 -5.40 -10.65 0.89
C TYR C 55 -5.61 -11.14 -0.54
N THR C 56 -5.31 -10.31 -1.53
CA THR C 56 -5.47 -10.74 -2.91
C THR C 56 -4.12 -11.05 -3.51
N ASN C 57 -3.08 -11.08 -2.68
CA ASN C 57 -1.73 -11.30 -3.18
C ASN C 57 -1.37 -10.38 -4.34
N GLY C 58 -1.86 -9.15 -4.31
CA GLY C 58 -1.50 -8.19 -5.33
C GLY C 58 -2.28 -8.34 -6.62
N LYS C 59 -3.31 -9.17 -6.62
CA LYS C 59 -4.10 -9.32 -7.83
C LYS C 59 -4.96 -8.08 -7.98
N VAL C 60 -5.24 -7.44 -6.84
CA VAL C 60 -5.89 -6.15 -6.82
C VAL C 60 -4.96 -5.02 -6.30
N LYS C 61 -4.90 -3.92 -7.04
CA LYS C 61 -4.30 -2.65 -6.59
C LYS C 61 -5.40 -1.63 -6.18
N VAL C 62 -5.45 -1.24 -4.91
CA VAL C 62 -6.39 -0.18 -4.49
C VAL C 62 -5.74 1.23 -4.49
N GLU C 63 -6.30 2.16 -5.23
CA GLU C 63 -5.78 3.53 -5.29
C GLU C 63 -6.72 4.40 -4.47
N VAL C 64 -6.17 5.09 -3.48
CA VAL C 64 -6.99 5.94 -2.60
C VAL C 64 -6.77 7.40 -2.95
N TYR C 65 -7.87 8.12 -3.16
CA TYR C 65 -7.88 9.53 -3.59
C TYR C 65 -8.62 10.38 -2.57
N PRO C 66 -7.87 10.94 -1.62
CA PRO C 66 -8.44 11.73 -0.52
C PRO C 66 -8.69 13.20 -0.94
N ASN C 67 -9.34 13.98 -0.07
CA ASN C 67 -9.49 15.41 -0.32
C ASN C 67 -10.11 15.78 -1.66
N SER C 68 -11.00 14.95 -2.18
CA SER C 68 -11.68 15.23 -3.44
C SER C 68 -10.76 15.32 -4.65
N GLN C 69 -9.57 14.77 -4.54
CA GLN C 69 -8.60 14.79 -5.64
C GLN C 69 -9.13 14.10 -6.92
N LEU C 70 -9.92 13.04 -6.79
CA LEU C 70 -10.51 12.39 -7.95
C LEU C 70 -11.97 12.85 -8.13
N PHE C 71 -12.83 12.51 -7.16
CA PHE C 71 -14.22 12.93 -7.18
C PHE C 71 -14.57 13.51 -5.83
N GLY C 72 -15.45 14.50 -5.86
CA GLY C 72 -15.98 15.10 -4.65
C GLY C 72 -17.45 14.81 -4.46
N ASP C 73 -18.10 15.60 -3.58
CA ASP C 73 -19.51 15.40 -3.19
C ASP C 73 -20.43 15.31 -4.40
N ALA C 74 -20.24 16.21 -5.34
CA ALA C 74 -21.17 16.37 -6.45
C ALA C 74 -21.19 15.18 -7.41
N LYS C 75 -20.05 14.52 -7.61
CA LYS C 75 -19.97 13.48 -8.66
C LYS C 75 -19.73 12.03 -8.19
N GLU C 76 -19.45 11.82 -6.91
CA GLU C 76 -19.03 10.49 -6.48
C GLU C 76 -20.08 9.42 -6.69
N GLU C 78 -22.44 9.30 -9.06
CA GLU C 78 -22.46 9.02 -10.52
C GLU C 78 -21.21 8.23 -10.88
N ALA C 79 -20.08 8.59 -10.28
CA ALA C 79 -18.82 7.83 -10.53
C ALA C 79 -18.96 6.32 -10.24
N VAL C 80 -19.61 6.01 -9.14
CA VAL C 80 -19.81 4.62 -8.76
C VAL C 80 -20.78 3.93 -9.75
N ALA C 81 -21.84 4.63 -10.14
CA ALA C 81 -22.81 4.07 -11.09
C ALA C 81 -22.15 3.72 -12.43
N LEU C 82 -21.25 4.58 -12.91
CA LEU C 82 -20.55 4.42 -14.19
C LEU C 82 -19.31 3.52 -14.14
N GLY C 83 -18.80 3.25 -12.95
CA GLY C 83 -17.60 2.42 -12.81
C GLY C 83 -16.29 3.16 -12.79
N ASP C 84 -16.33 4.49 -12.73
CA ASP C 84 -15.13 5.32 -12.64
C ASP C 84 -14.47 5.27 -11.23
N VAL C 85 -15.26 4.93 -10.22
CA VAL C 85 -14.71 4.62 -8.87
C VAL C 85 -15.43 3.37 -8.31
N GLN C 86 -14.73 2.61 -7.47
CA GLN C 86 -15.25 1.33 -6.96
C GLN C 86 -15.78 1.38 -5.53
N PHE C 87 -15.18 2.23 -4.72
CA PHE C 87 -15.61 2.44 -3.33
C PHE C 87 -15.68 3.92 -3.04
N ILE C 88 -16.75 4.34 -2.38
CA ILE C 88 -16.86 5.66 -1.78
C ILE C 88 -17.42 5.49 -0.37
N ALA C 89 -17.42 6.55 0.40
CA ALA C 89 -17.96 6.46 1.76
C ALA C 89 -18.51 7.80 2.22
N PRO C 90 -19.61 8.23 1.57
CA PRO C 90 -20.23 9.51 1.89
C PRO C 90 -20.90 9.57 3.25
N SER C 91 -20.95 10.80 3.78
CA SER C 91 -21.82 11.14 4.90
C SER C 91 -23.23 10.71 4.67
N LEU C 92 -23.83 10.19 5.74
CA LEU C 92 -25.19 9.68 5.69
C LEU C 92 -26.19 10.77 5.33
N SER C 93 -25.73 12.02 5.44
CA SER C 93 -26.54 13.18 5.06
C SER C 93 -26.61 13.46 3.55
N LYS C 94 -25.98 12.63 2.72
CA LYS C 94 -25.87 12.95 1.30
C LYS C 94 -26.64 12.03 0.40
N PHE C 95 -27.65 11.34 0.93
CA PHE C 95 -28.35 10.32 0.15
C PHE C 95 -29.81 10.62 -0.22
N ASP C 96 -30.32 11.81 0.12
CA ASP C 96 -31.76 12.02 -0.05
C ASP C 96 -32.23 12.13 -1.47
N LYS C 97 -31.36 11.96 -2.46
CA LYS C 97 -31.85 11.86 -3.81
C LYS C 97 -32.00 10.40 -4.22
N PHE C 98 -31.66 9.48 -3.32
CA PHE C 98 -31.64 8.04 -3.64
C PHE C 98 -32.57 7.27 -2.73
N THR C 99 -32.82 7.84 -1.56
CA THR C 99 -33.74 7.29 -0.57
C THR C 99 -34.14 8.38 0.46
N LYS C 100 -35.35 8.22 1.00
CA LYS C 100 -35.88 9.10 2.03
C LYS C 100 -35.75 8.54 3.43
N GLN C 101 -35.18 7.34 3.58
CA GLN C 101 -35.01 6.68 4.87
C GLN C 101 -33.64 6.99 5.54
N ILE C 102 -32.55 7.07 4.76
CA ILE C 102 -31.23 7.26 5.36
C ILE C 102 -31.11 8.64 6.02
N GLN C 103 -31.95 9.59 5.62
CA GLN C 103 -31.87 10.95 6.16
C GLN C 103 -32.28 11.02 7.65
N VAL C 104 -32.81 9.93 8.19
CA VAL C 104 -33.08 9.84 9.63
C VAL C 104 -31.84 10.24 10.43
N PHE C 105 -30.65 9.89 9.93
CA PHE C 105 -29.39 10.21 10.62
C PHE C 105 -29.11 11.73 10.76
N ASP C 106 -29.83 12.54 10.00
CA ASP C 106 -29.61 13.99 9.99
C ASP C 106 -30.39 14.76 11.05
N LEU C 107 -31.36 14.12 11.68
CA LEU C 107 -32.25 14.85 12.57
C LEU C 107 -31.46 15.32 13.79
N PRO C 108 -31.51 16.63 14.05
CA PRO C 108 -30.72 17.23 15.14
C PRO C 108 -31.11 16.70 16.53
N PHE C 109 -30.07 16.42 17.31
CA PHE C 109 -30.17 15.91 18.66
C PHE C 109 -30.85 14.56 18.76
N LEU C 110 -30.81 13.79 17.67
CA LEU C 110 -31.44 12.49 17.63
C LEU C 110 -30.65 11.52 18.50
N PHE C 111 -29.34 11.52 18.31
CA PHE C 111 -28.42 10.68 19.06
C PHE C 111 -27.61 11.43 20.16
N ASN C 112 -27.62 10.91 21.38
CA ASN C 112 -26.80 11.50 22.43
C ASN C 112 -25.29 11.44 22.12
N ASP C 113 -24.82 10.33 21.60
CA ASP C 113 -23.38 10.16 21.34
C ASP C 113 -23.18 9.05 20.32
N ILE C 114 -21.91 8.76 19.98
CA ILE C 114 -21.61 7.78 18.93
C ILE C 114 -21.99 6.37 19.36
N ALA C 115 -21.95 6.10 20.66
CA ALA C 115 -22.37 4.79 21.13
C ALA C 115 -23.82 4.59 20.69
N ALA C 116 -24.65 5.61 20.83
CA ALA C 116 -26.05 5.45 20.41
C ALA C 116 -26.11 5.23 18.91
N VAL C 117 -25.35 6.00 18.13
CA VAL C 117 -25.42 5.88 16.67
C VAL C 117 -25.03 4.47 16.28
N ASP C 118 -23.98 3.96 16.90
CA ASP C 118 -23.48 2.64 16.58
C ASP C 118 -24.49 1.55 16.88
N ARG C 119 -25.20 1.65 18.01
CA ARG C 119 -26.26 0.72 18.35
C ARG C 119 -27.35 0.69 17.29
N PHE C 120 -27.73 1.85 16.80
CA PHE C 120 -28.79 1.91 15.81
C PHE C 120 -28.32 1.30 14.45
N GLN C 121 -27.08 1.57 14.08
CA GLN C 121 -26.48 1.00 12.85
C GLN C 121 -26.49 -0.50 12.87
N ALA C 122 -26.18 -1.08 14.01
CA ALA C 122 -26.05 -2.53 14.15
C ALA C 122 -27.42 -3.21 14.24
N GLY C 123 -28.47 -2.44 14.51
CA GLY C 123 -29.80 -2.96 14.71
C GLY C 123 -30.52 -3.27 13.43
N LYS C 124 -31.73 -3.81 13.52
CA LYS C 124 -32.42 -4.25 12.29
C LYS C 124 -32.68 -3.11 11.31
N GLN C 125 -33.02 -1.93 11.82
CA GLN C 125 -33.29 -0.80 10.96
C GLN C 125 -32.00 -0.29 10.29
N GLY C 126 -30.91 -0.30 11.05
CA GLY C 126 -29.63 0.12 10.52
C GLY C 126 -29.16 -0.82 9.44
N GLN C 127 -29.35 -2.11 9.66
CA GLN C 127 -28.94 -3.10 8.71
C GLN C 127 -29.80 -3.03 7.44
N ALA C 128 -31.10 -2.78 7.60
CA ALA C 128 -31.98 -2.63 6.46
C ALA C 128 -31.54 -1.44 5.61
N LEU C 129 -31.10 -0.36 6.25
CA LEU C 129 -30.73 0.82 5.49
C LEU C 129 -29.58 0.56 4.49
N LEU C 130 -28.64 -0.33 4.81
CA LEU C 130 -27.54 -0.66 3.87
C LEU C 130 -28.05 -1.15 2.51
N ARG C 131 -29.29 -1.64 2.50
CA ARG C 131 -29.88 -2.21 1.28
C ARG C 131 -31.00 -1.34 0.72
N SER C 132 -31.17 -0.15 1.27
CA SER C 132 -32.29 0.71 0.89
C SER C 132 -32.22 1.27 -0.54
N GLU C 134 -30.68 -0.64 -3.08
CA GLU C 134 -30.39 -1.77 -3.97
C GLU C 134 -31.20 -1.72 -5.27
N SER C 135 -32.42 -1.19 -5.20
CA SER C 135 -33.25 -1.03 -6.39
C SER C 135 -32.68 0.03 -7.34
N LYS C 136 -31.72 0.84 -6.88
CA LYS C 136 -31.04 1.79 -7.75
C LYS C 136 -29.56 1.39 -7.98
N ASN C 137 -29.23 0.14 -7.72
CA ASN C 137 -27.91 -0.43 -7.95
C ASN C 137 -26.77 0.07 -7.05
N PHE C 138 -27.11 0.50 -5.84
CA PHE C 138 -26.10 0.88 -4.82
C PHE C 138 -26.28 -0.05 -3.63
N LEU C 139 -25.17 -0.53 -3.11
CA LEU C 139 -25.21 -1.38 -1.97
C LEU C 139 -24.29 -0.83 -0.89
N GLY C 140 -24.78 -0.71 0.33
CA GLY C 140 -23.95 -0.34 1.45
C GLY C 140 -23.27 -1.56 2.07
N LEU C 141 -21.96 -1.51 2.24
CA LEU C 141 -21.21 -2.64 2.79
C LEU C 141 -20.94 -2.52 4.27
N ALA C 142 -20.92 -1.29 4.78
CA ALA C 142 -20.61 -1.06 6.18
C ALA C 142 -20.93 0.38 6.55
N TYR C 143 -20.97 0.63 7.85
CA TYR C 143 -20.96 1.99 8.36
C TYR C 143 -19.56 2.30 8.92
N TRP C 144 -19.11 3.54 8.70
CA TRP C 144 -17.92 4.04 9.33
C TRP C 144 -18.31 5.24 10.20
N HIS C 145 -17.59 5.47 11.30
CA HIS C 145 -17.85 6.64 12.15
C HIS C 145 -16.91 7.83 11.88
N ASN C 146 -17.40 9.02 12.14
CA ASN C 146 -16.51 10.15 12.36
C ASN C 146 -16.75 10.61 13.79
N GLY C 147 -17.81 11.39 14.00
CA GLY C 147 -18.09 11.91 15.33
C GLY C 147 -19.25 12.87 15.35
N LYS C 149 -21.15 16.62 15.49
CA LYS C 149 -21.05 17.92 14.87
C LYS C 149 -21.05 19.06 15.88
N GLN C 150 -20.19 20.02 15.61
CA GLN C 150 -20.07 21.24 16.39
C GLN C 150 -20.44 22.37 15.47
N ILE C 151 -20.98 23.45 16.03
CA ILE C 151 -21.39 24.59 15.21
C ILE C 151 -20.39 25.73 15.37
N SER C 152 -20.10 26.44 14.28
CA SER C 152 -19.14 27.55 14.32
C SER C 152 -19.50 28.72 13.46
N ALA C 153 -18.92 29.87 13.82
CA ALA C 153 -19.02 31.08 13.06
C ALA C 153 -17.85 31.99 13.46
N ASN C 154 -17.94 33.27 13.13
CA ASN C 154 -16.93 34.22 13.59
C ASN C 154 -17.48 35.16 14.65
N ARG C 155 -18.55 34.73 15.32
CA ARG C 155 -19.13 35.37 16.51
C ARG C 155 -19.59 34.24 17.41
N PRO C 156 -19.60 34.45 18.74
CA PRO C 156 -19.95 33.37 19.70
C PRO C 156 -21.37 32.86 19.46
N LEU C 157 -21.53 31.55 19.34
CA LEU C 157 -22.87 30.98 19.21
C LEU C 157 -23.24 30.28 20.50
N LEU C 158 -23.84 31.02 21.44
CA LEU C 158 -24.19 30.43 22.76
C LEU C 158 -25.66 30.16 23.00
N LYS C 159 -26.52 30.95 22.36
CA LYS C 159 -27.96 30.69 22.34
C LYS C 159 -28.44 30.68 20.88
N PRO C 160 -29.52 29.93 20.58
CA PRO C 160 -29.93 29.80 19.18
C PRO C 160 -30.19 31.15 18.53
N GLU C 161 -30.49 32.15 19.33
CA GLU C 161 -30.70 33.50 18.79
C GLU C 161 -29.46 34.07 18.12
N ASP C 162 -28.29 33.68 18.61
CA ASP C 162 -27.03 34.18 18.04
C ASP C 162 -26.86 33.76 16.57
N ALA C 163 -27.60 32.75 16.17
CA ALA C 163 -27.49 32.24 14.80
C ALA C 163 -28.34 33.03 13.82
N LYS C 164 -29.29 33.86 14.31
CA LYS C 164 -30.27 34.54 13.45
C LYS C 164 -29.56 35.34 12.35
N GLY C 165 -29.94 35.12 11.09
CA GLY C 165 -29.49 35.97 10.01
C GLY C 165 -28.14 35.62 9.39
N LEU C 166 -27.45 34.62 9.95
CA LEU C 166 -26.14 34.23 9.42
C LEU C 166 -26.30 33.21 8.31
N LYS C 167 -25.34 33.16 7.40
CA LYS C 167 -25.31 32.12 6.38
C LYS C 167 -24.46 30.95 6.86
N PHE C 168 -25.01 29.74 6.80
CA PHE C 168 -24.32 28.51 7.19
C PHE C 168 -24.17 27.54 6.03
N ARG C 169 -22.96 27.03 5.83
CA ARG C 169 -22.76 26.04 4.78
C ARG C 169 -23.35 24.76 5.26
N ILE C 170 -24.00 24.04 4.37
CA ILE C 170 -24.43 22.68 4.71
C ILE C 170 -24.04 21.67 3.66
N GLN C 171 -23.99 20.43 4.08
CA GLN C 171 -24.05 19.30 3.17
C GLN C 171 -25.39 19.37 2.40
N ALA C 172 -25.47 18.68 1.27
CA ALA C 172 -26.70 18.68 0.45
C ALA C 172 -27.76 17.76 1.04
N SER C 173 -28.46 18.29 2.05
CA SER C 173 -29.48 17.58 2.79
C SER C 173 -30.67 18.48 3.05
N ASP C 174 -31.86 18.00 2.67
CA ASP C 174 -33.08 18.80 2.89
C ASP C 174 -33.29 19.08 4.37
N ILE C 175 -33.07 18.07 5.21
CA ILE C 175 -33.21 18.22 6.67
C ILE C 175 -32.23 19.23 7.28
N LEU C 176 -30.98 19.27 6.81
CA LEU C 176 -30.02 20.26 7.31
C LEU C 176 -30.42 21.68 6.87
N ALA C 177 -30.95 21.82 5.65
CA ALA C 177 -31.48 23.10 5.20
C ALA C 177 -32.59 23.55 6.12
N ALA C 178 -33.49 22.64 6.45
CA ALA C 178 -34.64 22.98 7.27
C ALA C 178 -34.24 23.31 8.68
N GLN C 179 -33.20 22.65 9.17
CA GLN C 179 -32.64 22.87 10.48
C GLN C 179 -32.20 24.29 10.67
N PHE C 180 -31.49 24.83 9.69
CA PHE C 180 -31.05 26.22 9.79
C PHE C 180 -32.15 27.25 9.49
N GLN C 181 -33.10 26.90 8.62
CA GLN C 181 -34.29 27.75 8.43
C GLN C 181 -35.05 27.89 9.75
N GLY C 182 -35.14 26.81 10.54
CA GLY C 182 -35.74 26.86 11.87
C GLY C 182 -35.06 27.84 12.82
N LEU C 183 -33.78 28.08 12.60
CA LEU C 183 -33.00 29.00 13.42
C LEU C 183 -33.02 30.44 12.85
N ASN C 184 -33.83 30.65 11.81
CA ASN C 184 -33.94 31.92 11.12
C ASN C 184 -32.59 32.32 10.57
N ALA C 185 -31.92 31.31 10.05
CA ALA C 185 -30.64 31.47 9.40
C ALA C 185 -30.79 31.04 7.93
N THR C 186 -29.73 31.20 7.15
CA THR C 186 -29.75 30.90 5.71
C THR C 186 -28.76 29.79 5.37
N PRO C 187 -29.27 28.58 5.08
CA PRO C 187 -28.42 27.45 4.71
C PRO C 187 -28.02 27.54 3.27
N GLN C 188 -26.83 27.04 3.00
CA GLN C 188 -26.22 27.15 1.68
C GLN C 188 -25.46 25.87 1.41
N LYS C 189 -25.88 25.13 0.39
CA LYS C 189 -25.27 23.84 0.07
C LYS C 189 -24.03 24.07 -0.74
N LEU C 190 -22.92 23.48 -0.27
CA LEU C 190 -21.62 23.67 -0.88
C LEU C 190 -20.85 22.41 -0.74
N ALA C 191 -20.09 22.08 -1.78
CA ALA C 191 -19.19 20.94 -1.80
C ALA C 191 -18.18 21.05 -0.65
N PHE C 192 -17.92 19.95 0.03
CA PHE C 192 -16.99 20.03 1.15
C PHE C 192 -15.68 20.76 0.77
N SER C 193 -15.10 20.50 -0.40
CA SER C 193 -13.78 21.02 -0.78
C SER C 193 -13.78 22.54 -0.95
N GLU C 194 -14.97 23.14 -1.04
CA GLU C 194 -15.10 24.58 -1.25
C GLU C 194 -15.30 25.36 0.05
N VAL C 195 -15.45 24.66 1.15
CA VAL C 195 -15.87 25.31 2.42
C VAL C 195 -14.83 26.28 2.95
N TYR C 196 -13.57 25.86 3.04
CA TYR C 196 -12.55 26.74 3.63
C TYR C 196 -12.55 28.13 2.93
N GLN C 197 -12.50 28.12 1.61
CA GLN C 197 -12.46 29.32 0.80
C GLN C 197 -13.73 30.16 1.04
N ALA C 198 -14.87 29.48 1.09
CA ALA C 198 -16.15 30.17 1.27
C ALA C 198 -16.19 30.89 2.64
N LEU C 199 -15.57 30.31 3.65
CA LEU C 199 -15.54 30.92 4.98
C LEU C 199 -14.51 32.05 4.98
N GLN C 200 -13.45 31.87 4.19
CA GLN C 200 -12.39 32.88 4.17
C GLN C 200 -12.89 34.25 3.67
N VAL C 201 -13.81 34.27 2.71
CA VAL C 201 -14.29 35.51 2.13
C VAL C 201 -15.76 35.82 2.48
N GLY C 202 -16.36 34.97 3.32
CA GLY C 202 -17.69 35.21 3.84
C GLY C 202 -18.83 34.95 2.88
N THR C 203 -18.58 34.11 1.88
CA THR C 203 -19.68 33.53 1.15
C THR C 203 -20.65 32.88 2.15
N VAL C 204 -20.09 32.25 3.18
CA VAL C 204 -20.89 31.84 4.34
C VAL C 204 -20.21 32.35 5.60
N ASP C 205 -21.00 32.41 6.66
CA ASP C 205 -20.54 32.92 7.94
C ASP C 205 -20.09 31.80 8.87
N GLY C 206 -20.75 30.66 8.76
CA GLY C 206 -20.51 29.57 9.71
C GLY C 206 -20.75 28.22 9.03
N GLN C 207 -20.62 27.14 9.79
CA GLN C 207 -20.68 25.77 9.26
C GLN C 207 -20.89 24.86 10.45
N GLU C 208 -21.03 23.56 10.21
CA GLU C 208 -21.14 22.59 11.27
C GLU C 208 -20.33 21.37 10.88
N ASN C 209 -19.45 20.93 11.78
CA ASN C 209 -18.65 19.74 11.48
C ASN C 209 -17.96 19.16 12.72
N THR C 210 -17.26 18.05 12.52
CA THR C 210 -16.58 17.36 13.62
C THR C 210 -15.25 18.01 13.87
N TRP C 211 -14.68 17.82 15.08
CA TRP C 211 -13.38 18.41 15.42
C TRP C 211 -12.34 17.98 14.39
N SER C 212 -12.33 16.70 14.01
CA SER C 212 -11.37 16.18 13.04
C SER C 212 -11.35 16.92 11.69
N ASN C 213 -12.52 17.18 11.09
CA ASN C 213 -12.66 17.99 9.89
C ASN C 213 -12.33 19.47 10.11
N ILE C 214 -12.81 20.04 11.20
CA ILE C 214 -12.49 21.44 11.50
C ILE C 214 -10.97 21.61 11.54
N PHE C 215 -10.24 20.74 12.22
CA PHE C 215 -8.77 20.88 12.29
C PHE C 215 -8.09 20.58 10.97
N SER C 216 -8.38 19.40 10.40
CA SER C 216 -7.63 18.91 9.20
C SER C 216 -7.88 19.77 7.94
N GLN C 217 -9.06 20.34 7.78
CA GLN C 217 -9.32 21.28 6.69
C GLN C 217 -9.08 22.74 7.11
N LYS C 218 -8.56 22.96 8.31
CA LYS C 218 -8.18 24.30 8.81
C LYS C 218 -9.35 25.32 8.85
N PHE C 219 -10.56 24.81 9.02
CA PHE C 219 -11.70 25.71 9.24
C PHE C 219 -11.49 26.63 10.49
N TYR C 220 -10.73 26.19 11.48
CA TYR C 220 -10.55 26.97 12.72
C TYR C 220 -9.75 28.24 12.47
N GLU C 221 -9.05 28.31 11.32
CA GLU C 221 -8.27 29.49 10.96
C GLU C 221 -9.17 30.55 10.34
N VAL C 222 -10.37 30.16 9.95
CA VAL C 222 -11.31 31.09 9.34
C VAL C 222 -12.62 31.09 10.11
N GLN C 223 -12.59 30.56 11.34
CA GLN C 223 -13.75 30.54 12.23
C GLN C 223 -13.27 30.81 13.68
N LYS C 224 -13.52 32.03 14.16
CA LYS C 224 -13.06 32.48 15.49
C LYS C 224 -13.76 31.83 16.68
N ASP C 225 -14.99 31.39 16.49
CA ASP C 225 -15.79 30.92 17.59
C ASP C 225 -16.46 29.60 17.20
N ILE C 226 -16.08 28.52 17.90
CA ILE C 226 -16.66 27.19 17.70
C ILE C 226 -17.33 26.80 18.99
N THR C 227 -18.58 26.34 18.90
CA THR C 227 -19.34 25.92 20.05
C THR C 227 -19.46 24.38 20.09
N GLU C 228 -19.16 23.78 21.22
CA GLU C 228 -19.31 22.32 21.35
C GLU C 228 -20.77 22.01 21.58
N SER C 229 -21.53 21.96 20.50
CA SER C 229 -22.96 21.70 20.59
C SER C 229 -23.35 20.19 20.57
N ASP C 230 -22.52 19.32 19.99
CA ASP C 230 -22.91 17.91 19.70
C ASP C 230 -24.38 17.76 19.19
N HIS C 231 -24.80 18.59 18.25
CA HIS C 231 -26.21 18.65 17.88
C HIS C 231 -26.57 17.73 16.74
N GLY C 232 -25.58 17.03 16.20
CA GLY C 232 -25.80 16.11 15.12
C GLY C 232 -24.57 15.25 14.93
N VAL C 233 -24.54 14.47 13.85
CA VAL C 233 -23.45 13.54 13.67
C VAL C 233 -23.00 13.56 12.25
N ILE C 234 -21.71 13.27 12.07
CA ILE C 234 -21.19 12.86 10.75
C ILE C 234 -20.70 11.41 10.84
N ASP C 235 -21.41 10.55 10.15
CA ASP C 235 -21.07 9.12 10.03
C ASP C 235 -21.22 8.77 8.52
N TYR C 236 -20.68 7.62 8.11
CA TYR C 236 -20.65 7.26 6.71
C TYR C 236 -21.23 5.89 6.37
N VAL C 238 -20.21 3.12 3.57
CA VAL C 238 -19.40 2.59 2.48
C VAL C 238 -20.32 2.00 1.39
N VAL C 239 -20.22 2.54 0.17
CA VAL C 239 -21.13 2.19 -0.92
C VAL C 239 -20.42 1.68 -2.15
N VAL C 240 -20.98 0.62 -2.78
CA VAL C 240 -20.45 0.10 -4.02
C VAL C 240 -21.60 -0.01 -5.01
N ASN C 241 -21.22 -0.14 -6.27
CA ASN C 241 -22.14 -0.54 -7.35
C ASN C 241 -22.51 -2.03 -7.17
N ALA C 242 -23.78 -2.36 -6.97
CA ALA C 242 -24.19 -3.68 -6.51
C ALA C 242 -23.88 -4.72 -7.57
N LYS C 243 -24.19 -4.39 -8.82
CA LYS C 243 -23.87 -5.24 -9.95
C LYS C 243 -22.35 -5.48 -10.04
N TRP C 244 -21.54 -4.46 -9.86
CA TRP C 244 -20.09 -4.69 -9.85
C TRP C 244 -19.69 -5.68 -8.73
N TRP C 245 -20.13 -5.38 -7.51
CA TRP C 245 -19.75 -6.16 -6.35
C TRP C 245 -20.14 -7.62 -6.52
N ASN C 246 -21.35 -7.84 -7.02
CA ASN C 246 -21.94 -9.16 -7.02
C ASN C 246 -21.34 -9.95 -8.17
N GLY C 247 -20.73 -9.23 -9.12
CA GLY C 247 -20.15 -9.83 -10.30
C GLY C 247 -18.71 -10.23 -10.13
N LEU C 248 -18.11 -9.86 -9.00
CA LEU C 248 -16.71 -10.20 -8.76
C LEU C 248 -16.51 -11.71 -8.65
N SER C 249 -15.34 -12.17 -9.08
CA SER C 249 -14.89 -13.52 -8.75
C SER C 249 -14.98 -13.66 -7.24
N LYS C 250 -15.37 -14.84 -6.77
CA LYS C 250 -15.65 -15.03 -5.36
C LYS C 250 -14.37 -14.86 -4.52
N ASP C 251 -13.22 -15.25 -5.06
CA ASP C 251 -11.97 -15.07 -4.34
C ASP C 251 -11.68 -13.60 -4.09
N LEU C 252 -11.91 -12.76 -5.10
CA LEU C 252 -11.66 -11.33 -4.92
C LEU C 252 -12.69 -10.71 -3.98
N GLN C 253 -13.93 -11.14 -4.07
CA GLN C 253 -14.94 -10.58 -3.19
C GLN C 253 -14.68 -10.97 -1.75
N ASP C 254 -14.25 -12.22 -1.54
CA ASP C 254 -13.99 -12.70 -0.17
C ASP C 254 -12.86 -11.91 0.45
N ALA C 255 -11.83 -11.64 -0.33
CA ALA C 255 -10.64 -10.95 0.20
C ALA C 255 -10.96 -9.49 0.54
N LYS C 257 -13.98 -8.34 1.32
CA LYS C 257 -14.95 -8.31 2.40
C LYS C 257 -14.19 -8.42 3.74
N LYS C 258 -13.24 -9.36 3.79
CA LYS C 258 -12.35 -9.50 4.93
C LYS C 258 -11.64 -8.17 5.25
N ALA C 259 -11.05 -7.56 4.23
CA ALA C 259 -10.34 -6.32 4.38
C ALA C 259 -11.24 -5.19 4.85
N ASP C 261 -13.96 -5.45 6.58
CA ASP C 261 -14.35 -5.71 7.96
C ASP C 261 -13.24 -5.27 8.88
N GLU C 262 -12.00 -5.58 8.53
CA GLU C 262 -10.90 -5.20 9.40
C GLU C 262 -10.69 -3.67 9.32
N ALA C 263 -10.93 -3.08 8.15
CA ALA C 263 -10.79 -1.64 8.07
C ALA C 263 -11.90 -0.94 8.89
N THR C 264 -13.06 -1.58 9.02
CA THR C 264 -14.19 -1.04 9.77
C THR C 264 -13.84 -1.06 11.28
N LYS C 265 -13.18 -2.12 11.72
CA LYS C 265 -12.75 -2.21 13.11
C LYS C 265 -11.67 -1.13 13.40
N VAL C 266 -10.77 -0.84 12.46
CA VAL C 266 -9.78 0.23 12.66
C VAL C 266 -10.43 1.63 12.76
N ASN C 267 -11.38 1.89 11.88
CA ASN C 267 -12.22 3.05 11.99
C ASN C 267 -12.87 3.19 13.35
N ASN C 268 -13.48 2.12 13.85
CA ASN C 268 -14.14 2.17 15.15
C ASN C 268 -13.15 2.42 16.31
N ASP C 269 -11.92 1.98 16.15
CA ASP C 269 -10.87 2.19 17.18
C ASP C 269 -10.34 3.64 17.21
N VAL C 270 -10.25 4.30 16.05
CA VAL C 270 -9.59 5.61 15.96
C VAL C 270 -10.51 6.83 15.90
N ALA C 271 -11.78 6.61 15.59
CA ALA C 271 -12.72 7.71 15.42
C ALA C 271 -12.73 8.71 16.61
N GLY C 272 -13.05 8.20 17.79
CA GLY C 272 -13.15 9.05 18.99
C GLY C 272 -11.81 9.70 19.33
N LYS C 273 -10.77 8.88 19.28
CA LYS C 273 -9.39 9.33 19.52
C LYS C 273 -8.96 10.50 18.62
N LEU C 274 -9.28 10.41 17.31
CA LEU C 274 -8.80 11.42 16.36
C LEU C 274 -9.56 12.72 16.53
N ASN C 275 -10.84 12.64 16.85
CA ASN C 275 -11.60 13.84 17.15
C ASN C 275 -11.13 14.47 18.48
N ASP C 276 -10.95 13.64 19.51
CA ASP C 276 -10.46 14.15 20.81
C ASP C 276 -9.11 14.89 20.61
N GLU C 277 -8.20 14.33 19.84
CA GLU C 277 -6.95 15.01 19.54
C GLU C 277 -7.08 16.31 18.74
N ALA C 278 -8.02 16.34 17.79
CA ALA C 278 -8.18 17.52 16.96
C ALA C 278 -8.76 18.68 17.82
N LYS C 279 -9.68 18.35 18.70
CA LYS C 279 -10.18 19.36 19.61
C LYS C 279 -9.02 20.02 20.36
N GLN C 280 -8.15 19.20 20.96
CA GLN C 280 -6.97 19.71 21.71
C GLN C 280 -6.06 20.60 20.86
N LYS C 281 -5.83 20.19 19.62
CA LYS C 281 -4.94 20.96 18.75
C LYS C 281 -5.59 22.27 18.41
N ILE C 282 -6.90 22.26 18.16
CA ILE C 282 -7.61 23.50 17.89
C ILE C 282 -7.53 24.39 19.12
N ALA C 283 -7.72 23.82 20.30
CA ALA C 283 -7.62 24.60 21.55
C ALA C 283 -6.25 25.29 21.76
N SER C 284 -5.17 24.62 21.36
CA SER C 284 -3.83 25.10 21.66
C SER C 284 -3.31 26.07 20.61
N SER C 285 -4.01 26.21 19.48
CA SER C 285 -3.52 27.00 18.36
C SER C 285 -3.63 28.51 18.65
N GLY C 286 -4.65 28.89 19.40
CA GLY C 286 -4.85 30.30 19.73
C GLY C 286 -5.71 31.03 18.71
N ALA C 287 -5.87 30.48 17.51
CA ALA C 287 -6.58 31.12 16.42
C ALA C 287 -8.09 31.16 16.59
N SER C 288 -8.61 30.23 17.37
CA SER C 288 -10.04 30.07 17.48
C SER C 288 -10.38 29.82 18.95
N LYS C 289 -11.58 30.20 19.34
CA LYS C 289 -12.04 30.02 20.72
C LYS C 289 -13.17 28.96 20.72
N ILE C 290 -13.07 27.96 21.59
CA ILE C 290 -14.10 26.93 21.80
C ILE C 290 -14.98 27.30 22.97
N HIS C 291 -16.29 27.30 22.75
CA HIS C 291 -17.30 27.64 23.73
C HIS C 291 -18.09 26.41 24.19
N GLN C 292 -18.15 26.18 25.49
CA GLN C 292 -19.05 25.16 26.03
C GLN C 292 -20.42 25.76 26.31
N LEU C 293 -21.45 24.92 26.33
CA LEU C 293 -22.81 25.39 26.66
C LEU C 293 -23.21 24.94 28.05
N THR C 294 -23.90 25.82 28.77
CA THR C 294 -24.50 25.43 30.04
C THR C 294 -25.65 24.46 29.74
N PRO C 295 -26.05 23.66 30.74
CA PRO C 295 -27.19 22.78 30.46
C PRO C 295 -28.42 23.58 30.03
N GLU C 296 -28.63 24.78 30.57
CA GLU C 296 -29.76 25.61 30.15
C GLU C 296 -29.66 26.07 28.69
N GLN C 297 -28.48 26.55 28.29
CA GLN C 297 -28.24 26.88 26.88
C GLN C 297 -28.46 25.66 25.95
N ARG C 298 -27.92 24.50 26.29
CA ARG C 298 -28.19 23.29 25.48
C ARG C 298 -29.72 23.05 25.33
N LYS C 299 -30.46 23.19 26.42
CA LYS C 299 -31.92 23.05 26.37
C LYS C 299 -32.54 23.95 25.29
N GLN C 300 -32.07 25.20 25.23
CA GLN C 300 -32.59 26.17 24.25
C GLN C 300 -32.30 25.74 22.81
N TRP C 301 -31.10 25.19 22.58
CA TRP C 301 -30.75 24.69 21.25
C TRP C 301 -31.62 23.47 20.88
N VAL C 302 -31.80 22.57 21.85
CA VAL C 302 -32.61 21.38 21.59
C VAL C 302 -34.02 21.84 21.22
N GLU C 303 -34.58 22.73 22.02
CA GLU C 303 -35.96 23.22 21.83
C GLU C 303 -36.14 23.93 20.50
N ALA C 304 -35.11 24.64 20.07
CA ALA C 304 -35.15 25.41 18.84
C ALA C 304 -34.99 24.55 17.57
N LYS C 306 -35.31 20.79 17.43
CA LYS C 306 -36.08 19.55 17.34
C LYS C 306 -37.42 19.66 16.59
N PRO C 307 -38.02 20.86 16.53
CA PRO C 307 -39.30 20.98 15.83
C PRO C 307 -39.23 20.59 14.34
N VAL C 308 -38.02 20.58 13.79
CA VAL C 308 -37.87 20.20 12.39
C VAL C 308 -38.20 18.72 12.11
N TRP C 309 -38.11 17.88 13.13
CA TRP C 309 -38.43 16.46 12.98
C TRP C 309 -39.81 16.25 12.37
N ALA C 310 -40.79 17.04 12.81
CA ALA C 310 -42.16 16.79 12.41
C ALA C 310 -42.33 16.99 10.92
N LYS C 311 -41.63 17.95 10.34
CA LYS C 311 -41.66 18.13 8.90
C LYS C 311 -41.30 16.84 8.08
N PHE C 312 -40.48 15.96 8.64
CA PHE C 312 -39.96 14.82 7.87
C PHE C 312 -40.44 13.46 8.38
N GLU C 313 -41.39 13.47 9.31
CA GLU C 313 -41.77 12.26 9.99
C GLU C 313 -42.35 11.22 9.04
N SER C 314 -43.37 11.60 8.28
CA SER C 314 -44.02 10.68 7.36
C SER C 314 -43.06 10.22 6.26
N ALA C 315 -42.21 11.12 5.79
CA ALA C 315 -41.26 10.76 4.73
C ALA C 315 -40.26 9.70 5.20
N ILE C 316 -39.71 9.86 6.40
CA ILE C 316 -38.76 8.91 6.93
C ILE C 316 -39.46 7.66 7.42
N GLY C 317 -40.58 7.86 8.13
CA GLY C 317 -41.32 6.75 8.70
C GLY C 317 -41.26 6.81 10.22
N LYS C 318 -42.42 6.94 10.86
CA LYS C 318 -42.44 7.11 12.31
C LYS C 318 -41.67 6.00 13.04
N ASP C 319 -41.87 4.74 12.67
CA ASP C 319 -41.22 3.66 13.42
C ASP C 319 -39.69 3.69 13.30
N LEU C 320 -39.18 4.10 12.15
CA LEU C 320 -37.73 4.22 11.98
C LEU C 320 -37.17 5.26 12.97
N ILE C 321 -37.85 6.39 13.08
CA ILE C 321 -37.42 7.49 13.99
C ILE C 321 -37.50 7.03 15.45
N ASP C 322 -38.55 6.29 15.78
CA ASP C 322 -38.72 5.79 17.13
C ASP C 322 -37.62 4.82 17.52
N ALA C 323 -37.17 4.04 16.55
CA ALA C 323 -36.06 3.12 16.76
C ALA C 323 -34.74 3.88 16.93
N ALA C 324 -34.52 4.93 16.13
CA ALA C 324 -33.34 5.77 16.39
C ALA C 324 -33.40 6.39 17.80
N VAL C 325 -34.56 6.88 18.19
CA VAL C 325 -34.70 7.43 19.53
C VAL C 325 -34.41 6.41 20.65
N ALA C 326 -34.88 5.18 20.47
CA ALA C 326 -34.67 4.12 21.44
C ALA C 326 -33.19 3.67 21.54
N SER C 327 -32.36 4.06 20.58
CA SER C 327 -30.97 3.62 20.60
C SER C 327 -30.18 4.33 21.71
N ASN C 328 -30.71 5.44 22.22
CA ASN C 328 -30.08 6.14 23.33
C ASN C 328 -30.24 5.42 24.68
N ASP C 329 -31.19 4.49 24.76
CA ASP C 329 -31.47 3.76 26.01
C ASP C 329 -30.36 2.75 26.30
N GLN D 25 42.68 -2.02 62.28
CA GLN D 25 41.69 -2.90 61.67
C GLN D 25 42.02 -3.17 60.20
N PRO D 26 42.42 -4.41 59.90
CA PRO D 26 42.80 -4.69 58.51
C PRO D 26 41.59 -4.59 57.59
N ILE D 27 41.79 -4.06 56.40
CA ILE D 27 40.73 -3.91 55.39
C ILE D 27 40.61 -5.21 54.66
N VAL D 28 39.49 -5.89 54.78
CA VAL D 28 39.38 -7.21 54.22
C VAL D 28 38.80 -7.17 52.83
N VAL D 29 39.50 -7.80 51.89
CA VAL D 29 39.05 -7.89 50.50
C VAL D 29 38.92 -9.35 50.08
N LYS D 30 37.77 -9.72 49.51
CA LYS D 30 37.49 -11.13 49.22
C LYS D 30 37.47 -11.35 47.71
N PHE D 31 38.12 -12.44 47.29
CA PHE D 31 38.25 -12.83 45.89
C PHE D 31 37.61 -14.19 45.75
N SER D 32 36.51 -14.27 45.02
CA SER D 32 35.78 -15.52 44.92
C SER D 32 35.92 -16.05 43.51
N HIS D 33 36.02 -17.37 43.36
CA HIS D 33 35.96 -18.03 42.05
C HIS D 33 35.56 -19.52 42.18
N VAL D 34 35.38 -20.17 41.02
CA VAL D 34 34.78 -21.50 40.92
C VAL D 34 35.71 -22.64 40.61
N VAL D 35 36.98 -22.36 40.41
CA VAL D 35 37.92 -23.43 40.02
C VAL D 35 38.84 -23.84 41.16
N ALA D 36 39.64 -24.86 40.91
CA ALA D 36 40.56 -25.34 41.95
C ALA D 36 41.79 -24.44 42.11
N ASP D 37 42.55 -24.61 43.20
CA ASP D 37 43.74 -23.76 43.44
C ASP D 37 44.81 -23.93 42.35
N ASN D 38 45.02 -25.17 41.94
CA ASN D 38 46.12 -25.46 41.02
C ASN D 38 45.69 -25.38 39.55
N THR D 39 45.44 -24.16 39.09
CA THR D 39 44.89 -23.89 37.80
C THR D 39 45.33 -22.49 37.45
N PRO D 40 45.14 -22.09 36.19
CA PRO D 40 45.61 -20.76 35.78
C PRO D 40 44.95 -19.61 36.52
N LYS D 41 43.64 -19.68 36.78
CA LYS D 41 42.98 -18.63 37.56
C LYS D 41 43.34 -18.79 39.05
N GLY D 42 43.34 -20.02 39.51
CA GLY D 42 43.58 -20.29 40.92
C GLY D 42 44.93 -19.78 41.37
N GLN D 43 45.96 -20.03 40.57
CA GLN D 43 47.30 -19.59 40.91
C GLN D 43 47.42 -18.08 40.85
N ALA D 44 46.70 -17.45 39.95
CA ALA D 44 46.84 -16.02 39.76
C ALA D 44 46.14 -15.27 40.90
N ALA D 45 45.01 -15.82 41.36
CA ALA D 45 44.28 -15.27 42.49
C ALA D 45 45.17 -15.33 43.75
N ILE D 46 45.81 -16.48 43.97
CA ILE D 46 46.76 -16.64 45.09
C ILE D 46 47.94 -15.62 45.05
N LYS D 47 48.47 -15.36 43.86
CA LYS D 47 49.54 -14.40 43.69
C LYS D 47 49.07 -12.97 43.98
N PHE D 48 47.89 -12.61 43.48
CA PHE D 48 47.32 -11.32 43.79
C PHE D 48 47.24 -11.11 45.32
N LYS D 49 46.82 -12.16 46.04
CA LYS D 49 46.68 -12.06 47.49
C LYS D 49 48.03 -11.75 48.13
N GLU D 50 49.04 -12.52 47.76
CA GLU D 50 50.40 -12.35 48.24
C GLU D 50 50.88 -10.90 48.03
N LEU D 51 50.76 -10.44 46.79
CA LEU D 51 51.34 -9.16 46.44
C LEU D 51 50.53 -8.00 46.96
N ALA D 52 49.22 -8.16 47.05
CA ALA D 52 48.36 -7.09 47.52
C ALA D 52 48.62 -6.85 48.99
N GLU D 53 48.80 -7.92 49.74
CA GLU D 53 49.09 -7.76 51.16
C GLU D 53 50.46 -7.12 51.35
N LYS D 54 51.40 -7.45 50.47
CA LYS D 54 52.75 -6.92 50.55
C LYS D 54 52.84 -5.45 50.16
N TYR D 55 52.19 -5.08 49.07
CA TYR D 55 52.33 -3.72 48.56
C TYR D 55 51.56 -2.71 49.42
N THR D 56 50.67 -3.20 50.29
CA THR D 56 49.94 -2.34 51.20
C THR D 56 50.49 -2.44 52.60
N ASN D 57 51.63 -3.11 52.75
CA ASN D 57 52.27 -3.16 54.04
C ASN D 57 51.38 -3.85 55.06
N GLY D 58 50.40 -4.63 54.59
CA GLY D 58 49.61 -5.49 55.44
C GLY D 58 48.31 -4.86 55.90
N LYS D 59 48.04 -3.65 55.44
CA LYS D 59 46.79 -2.96 55.74
C LYS D 59 45.58 -3.58 55.05
N VAL D 60 45.83 -4.32 53.98
CA VAL D 60 44.77 -5.10 53.36
C VAL D 60 45.01 -6.58 53.55
N LYS D 61 43.96 -7.27 53.99
CA LYS D 61 43.92 -8.73 53.99
C LYS D 61 43.11 -9.22 52.78
N VAL D 62 43.69 -10.05 51.95
CA VAL D 62 42.93 -10.65 50.84
C VAL D 62 42.60 -12.11 51.13
N GLU D 63 41.33 -12.45 51.05
CA GLU D 63 40.85 -13.80 51.31
C GLU D 63 40.37 -14.40 50.00
N VAL D 64 40.95 -15.53 49.63
CA VAL D 64 40.66 -16.20 48.35
C VAL D 64 39.80 -17.44 48.59
N TYR D 65 38.65 -17.50 47.91
CA TYR D 65 37.69 -18.55 48.12
C TYR D 65 37.46 -19.32 46.82
N PRO D 66 38.21 -20.40 46.61
CA PRO D 66 38.12 -21.13 45.33
C PRO D 66 36.95 -22.10 45.31
N ASN D 67 36.80 -22.86 44.23
CA ASN D 67 35.80 -23.94 44.17
C ASN D 67 34.36 -23.56 44.62
N SER D 68 33.97 -22.32 44.39
CA SER D 68 32.62 -21.86 44.71
C SER D 68 32.31 -21.92 46.24
N GLN D 69 33.34 -21.96 47.06
CA GLN D 69 33.15 -21.98 48.52
C GLN D 69 32.34 -20.80 49.05
N LEU D 70 32.56 -19.61 48.49
CA LEU D 70 31.86 -18.41 48.91
C LEU D 70 30.70 -18.09 47.95
N PHE D 71 31.02 -17.89 46.67
CA PHE D 71 29.98 -17.67 45.67
C PHE D 71 30.33 -18.46 44.41
N GLY D 72 29.29 -18.97 43.76
CA GLY D 72 29.42 -19.72 42.53
C GLY D 72 28.95 -18.92 41.33
N ASP D 73 28.82 -19.59 40.18
CA ASP D 73 28.41 -18.98 38.89
C ASP D 73 27.17 -18.08 39.04
N ALA D 74 26.17 -18.62 39.71
CA ALA D 74 24.84 -18.05 39.73
C ALA D 74 24.76 -16.77 40.55
N LYS D 75 25.63 -16.61 41.54
CA LYS D 75 25.48 -15.45 42.47
C LYS D 75 26.64 -14.45 42.49
N GLU D 76 27.74 -14.78 41.87
CA GLU D 76 28.95 -13.96 42.02
C GLU D 76 28.80 -12.52 41.53
N GLU D 78 26.01 -10.62 41.35
CA GLU D 78 25.16 -10.00 42.36
C GLU D 78 25.96 -9.70 43.61
N ALA D 79 26.86 -10.62 43.99
CA ALA D 79 27.74 -10.40 45.17
C ALA D 79 28.62 -9.17 44.99
N VAL D 80 29.15 -9.00 43.80
CA VAL D 80 29.99 -7.82 43.51
C VAL D 80 29.17 -6.54 43.60
N ALA D 81 27.98 -6.58 43.04
CA ALA D 81 27.11 -5.42 43.00
C ALA D 81 26.73 -4.94 44.40
N LEU D 82 26.48 -5.86 45.30
CA LEU D 82 26.11 -5.54 46.66
C LEU D 82 27.29 -5.45 47.64
N GLY D 83 28.50 -5.77 47.19
CA GLY D 83 29.66 -5.59 48.06
C GLY D 83 30.00 -6.77 48.96
N ASP D 84 29.44 -7.93 48.68
CA ASP D 84 29.77 -9.11 49.46
C ASP D 84 31.07 -9.79 48.98
N VAL D 85 31.51 -9.45 47.79
CA VAL D 85 32.82 -9.87 47.33
C VAL D 85 33.41 -8.71 46.53
N GLN D 86 34.74 -8.59 46.54
CA GLN D 86 35.41 -7.44 45.93
C GLN D 86 35.96 -7.76 44.55
N PHE D 87 36.46 -8.97 44.38
CA PHE D 87 37.09 -9.43 43.14
C PHE D 87 36.50 -10.76 42.67
N ILE D 88 36.12 -10.82 41.38
CA ILE D 88 35.71 -12.07 40.76
C ILE D 88 36.39 -12.17 39.39
N ALA D 89 36.32 -13.33 38.76
CA ALA D 89 36.93 -13.49 37.44
C ALA D 89 36.24 -14.61 36.65
N PRO D 90 35.00 -14.35 36.21
CA PRO D 90 34.21 -15.29 35.42
C PRO D 90 34.70 -15.44 34.00
N SER D 91 34.49 -16.63 33.48
CA SER D 91 34.59 -16.87 32.06
C SER D 91 33.86 -15.82 31.26
N LEU D 92 34.47 -15.46 30.13
CA LEU D 92 33.91 -14.47 29.22
C LEU D 92 32.55 -14.90 28.63
N SER D 93 32.21 -16.18 28.78
CA SER D 93 30.89 -16.69 28.35
C SER D 93 29.72 -16.42 29.30
N LYS D 94 29.93 -15.70 30.40
CA LYS D 94 28.89 -15.53 31.43
C LYS D 94 28.45 -14.08 31.64
N PHE D 95 28.61 -13.26 30.62
CA PHE D 95 28.26 -11.84 30.73
C PHE D 95 27.07 -11.37 29.85
N ASP D 96 26.30 -12.28 29.27
CA ASP D 96 25.32 -11.85 28.26
C ASP D 96 24.02 -11.28 28.82
N LYS D 97 23.86 -11.35 30.15
CA LYS D 97 22.81 -10.59 30.81
C LYS D 97 23.29 -9.16 31.12
N PHE D 98 24.54 -8.83 30.84
CA PHE D 98 25.05 -7.47 31.16
C PHE D 98 25.51 -6.69 29.94
N THR D 99 25.91 -7.41 28.89
CA THR D 99 26.30 -6.80 27.63
C THR D 99 26.16 -7.84 26.53
N LYS D 100 26.02 -7.34 25.29
CA LYS D 100 25.95 -8.18 24.11
C LYS D 100 27.27 -8.20 23.34
N GLN D 101 28.29 -7.54 23.87
CA GLN D 101 29.57 -7.42 23.14
C GLN D 101 30.58 -8.49 23.59
N ILE D 102 30.63 -8.81 24.89
CA ILE D 102 31.68 -9.69 25.38
C ILE D 102 31.43 -11.11 24.82
N GLN D 103 30.18 -11.41 24.46
CA GLN D 103 29.85 -12.77 24.00
C GLN D 103 30.56 -13.13 22.69
N VAL D 104 31.20 -12.16 22.04
CA VAL D 104 32.09 -12.43 20.88
C VAL D 104 33.03 -13.57 21.14
N PHE D 105 33.55 -13.62 22.37
CA PHE D 105 34.48 -14.68 22.76
C PHE D 105 33.89 -16.10 22.63
N ASP D 106 32.57 -16.22 22.57
CA ASP D 106 31.92 -17.54 22.56
C ASP D 106 31.74 -18.13 21.17
N LEU D 107 31.97 -17.33 20.15
CA LEU D 107 31.72 -17.80 18.80
C LEU D 107 32.68 -18.94 18.45
N PRO D 108 32.14 -20.11 18.12
CA PRO D 108 33.01 -21.30 17.99
C PRO D 108 33.97 -21.22 16.81
N PHE D 109 35.21 -21.66 17.03
CA PHE D 109 36.28 -21.65 16.03
C PHE D 109 36.69 -20.25 15.58
N LEU D 110 36.44 -19.25 16.42
CA LEU D 110 36.78 -17.86 16.09
C LEU D 110 38.27 -17.65 16.13
N PHE D 111 38.89 -18.14 17.22
CA PHE D 111 40.33 -18.07 17.47
C PHE D 111 41.02 -19.41 17.22
N ASN D 112 42.11 -19.38 16.45
CA ASN D 112 42.83 -20.62 16.16
C ASN D 112 43.47 -21.17 17.40
N ASP D 113 44.02 -20.27 18.19
CA ASP D 113 44.77 -20.66 19.35
C ASP D 113 44.83 -19.56 20.36
N ILE D 114 45.55 -19.83 21.42
CA ILE D 114 45.61 -18.95 22.54
C ILE D 114 46.41 -17.65 22.26
N ALA D 115 47.39 -17.71 21.36
CA ALA D 115 48.12 -16.50 20.96
C ALA D 115 47.21 -15.50 20.28
N ALA D 116 46.29 -16.01 19.47
CA ALA D 116 45.33 -15.16 18.78
C ALA D 116 44.39 -14.49 19.78
N VAL D 117 43.86 -15.26 20.73
CA VAL D 117 42.99 -14.65 21.73
C VAL D 117 43.70 -13.52 22.47
N ASP D 118 44.94 -13.77 22.86
CA ASP D 118 45.73 -12.77 23.56
C ASP D 118 45.94 -11.51 22.71
N ARG D 119 46.22 -11.66 21.42
CA ARG D 119 46.39 -10.47 20.57
C ARG D 119 45.09 -9.69 20.48
N PHE D 120 43.96 -10.41 20.43
CA PHE D 120 42.68 -9.71 20.39
C PHE D 120 42.46 -8.99 21.71
N GLN D 121 42.77 -9.65 22.82
CA GLN D 121 42.54 -9.04 24.13
C GLN D 121 43.33 -7.74 24.30
N ALA D 122 44.52 -7.72 23.72
CA ALA D 122 45.47 -6.62 23.93
C ALA D 122 45.17 -5.45 23.01
N GLY D 123 44.51 -5.73 21.88
CA GLY D 123 44.18 -4.69 20.92
C GLY D 123 43.18 -3.70 21.46
N LYS D 124 42.94 -2.65 20.69
CA LYS D 124 41.97 -1.64 21.05
C LYS D 124 40.58 -2.25 21.34
N GLN D 125 40.01 -2.99 20.39
CA GLN D 125 38.65 -3.54 20.56
C GLN D 125 38.53 -4.41 21.81
N GLY D 126 39.53 -5.26 22.04
CA GLY D 126 39.54 -6.12 23.21
C GLY D 126 39.57 -5.33 24.51
N GLN D 127 40.34 -4.24 24.53
CA GLN D 127 40.50 -3.44 25.73
C GLN D 127 39.22 -2.62 26.03
N ALA D 128 38.58 -2.12 24.97
CA ALA D 128 37.26 -1.52 25.11
C ALA D 128 36.33 -2.40 25.94
N LEU D 129 36.39 -3.71 25.74
CA LEU D 129 35.39 -4.60 26.36
C LEU D 129 35.46 -4.59 27.89
N LEU D 130 36.62 -4.27 28.45
CA LEU D 130 36.74 -4.13 29.91
C LEU D 130 35.86 -3.02 30.46
N ARG D 131 35.42 -2.10 29.61
CA ARG D 131 34.59 -1.01 30.08
C ARG D 131 33.15 -1.09 29.56
N SER D 132 32.81 -2.21 28.93
CA SER D 132 31.53 -2.34 28.27
C SER D 132 30.36 -2.43 29.29
N GLU D 134 30.32 -0.56 32.30
CA GLU D 134 30.44 0.55 33.24
C GLU D 134 29.08 1.13 33.57
N SER D 135 28.15 1.15 32.62
CA SER D 135 26.81 1.68 32.85
C SER D 135 26.07 0.88 33.89
N LYS D 136 26.49 -0.36 34.10
CA LYS D 136 25.85 -1.18 35.14
C LYS D 136 26.77 -1.31 36.37
N ASN D 137 27.72 -0.41 36.48
CA ASN D 137 28.62 -0.33 37.63
C ASN D 137 29.62 -1.49 37.80
N PHE D 138 29.97 -2.15 36.70
CA PHE D 138 31.02 -3.18 36.71
C PHE D 138 32.22 -2.72 35.86
N LEU D 139 33.43 -3.06 36.30
CA LEU D 139 34.63 -2.64 35.64
C LEU D 139 35.55 -3.83 35.54
N GLY D 140 36.04 -4.08 34.34
CA GLY D 140 36.99 -5.16 34.10
C GLY D 140 38.39 -4.60 34.26
N LEU D 141 39.22 -5.29 35.04
CA LEU D 141 40.57 -4.81 35.31
C LEU D 141 41.61 -5.46 34.39
N ALA D 142 41.34 -6.68 33.93
CA ALA D 142 42.34 -7.43 33.21
C ALA D 142 41.72 -8.68 32.63
N TYR D 143 42.34 -9.20 31.59
CA TYR D 143 41.99 -10.51 31.09
C TYR D 143 42.96 -11.47 31.68
N TRP D 144 42.45 -12.63 32.13
CA TRP D 144 43.30 -13.76 32.48
C TRP D 144 43.00 -14.92 31.53
N HIS D 145 43.99 -15.77 31.29
CA HIS D 145 43.82 -16.93 30.41
C HIS D 145 43.53 -18.24 31.15
N ASN D 146 42.78 -19.12 30.51
CA ASN D 146 42.88 -20.52 30.84
C ASN D 146 43.41 -21.30 29.59
N GLY D 147 42.54 -21.52 28.61
CA GLY D 147 42.93 -22.34 27.46
C GLY D 147 41.80 -22.65 26.48
N LYS D 149 38.91 -25.00 24.55
CA LYS D 149 37.89 -25.92 24.96
C LYS D 149 37.97 -27.19 24.13
N GLN D 150 37.88 -28.33 24.83
CA GLN D 150 37.80 -29.65 24.23
C GLN D 150 36.42 -30.19 24.51
N ILE D 151 35.98 -31.18 23.74
CA ILE D 151 34.61 -31.64 23.90
C ILE D 151 34.64 -33.10 24.37
N SER D 152 33.70 -33.50 25.22
CA SER D 152 33.68 -34.88 25.73
C SER D 152 32.27 -35.40 25.86
N ALA D 153 32.18 -36.73 25.93
CA ALA D 153 30.94 -37.47 26.20
C ALA D 153 31.33 -38.92 26.55
N ASN D 154 30.36 -39.83 26.62
CA ASN D 154 30.71 -41.24 26.86
C ASN D 154 30.71 -42.11 25.61
N ARG D 155 30.99 -41.46 24.47
CA ARG D 155 31.11 -42.14 23.20
C ARG D 155 32.05 -41.24 22.43
N PRO D 156 32.80 -41.79 21.48
CA PRO D 156 33.73 -41.02 20.65
C PRO D 156 33.00 -39.94 19.88
N LEU D 157 33.49 -38.71 19.96
CA LEU D 157 33.02 -37.64 19.12
C LEU D 157 34.06 -37.27 18.03
N LEU D 158 33.94 -37.89 16.87
CA LEU D 158 34.90 -37.68 15.79
C LEU D 158 34.30 -36.80 14.70
N LYS D 159 32.99 -36.86 14.54
CA LYS D 159 32.31 -36.00 13.58
C LYS D 159 31.05 -35.49 14.24
N PRO D 160 30.57 -34.31 13.83
CA PRO D 160 29.47 -33.62 14.54
C PRO D 160 28.24 -34.48 14.67
N GLU D 161 27.98 -35.34 13.70
CA GLU D 161 26.79 -36.20 13.75
C GLU D 161 26.80 -37.08 15.03
N ASP D 162 28.01 -37.42 15.50
CA ASP D 162 28.18 -38.21 16.70
C ASP D 162 27.59 -37.55 17.95
N ALA D 163 27.42 -36.23 17.93
CA ALA D 163 26.86 -35.50 19.06
C ALA D 163 25.33 -35.45 19.05
N LYS D 164 24.71 -35.95 17.98
CA LYS D 164 23.26 -35.79 17.86
C LYS D 164 22.55 -36.52 18.98
N GLY D 165 21.56 -35.87 19.57
CA GLY D 165 20.70 -36.50 20.55
C GLY D 165 21.30 -36.55 21.93
N LEU D 166 22.48 -35.97 22.10
CA LEU D 166 23.15 -35.99 23.41
C LEU D 166 22.90 -34.71 24.18
N LYS D 167 22.98 -34.79 25.50
CA LYS D 167 22.77 -33.67 26.42
C LYS D 167 24.12 -33.14 26.89
N PHE D 168 24.41 -31.88 26.59
CA PHE D 168 25.69 -31.30 26.96
C PHE D 168 25.48 -30.15 27.94
N ARG D 169 26.28 -30.14 29.00
CA ARG D 169 26.25 -29.06 29.98
C ARG D 169 26.92 -27.92 29.28
N ILE D 170 26.42 -26.71 29.52
CA ILE D 170 27.05 -25.52 29.04
C ILE D 170 27.03 -24.45 30.15
N GLN D 171 27.93 -23.50 30.01
CA GLN D 171 27.85 -22.26 30.75
C GLN D 171 26.58 -21.52 30.33
N ALA D 172 26.14 -20.55 31.12
CA ALA D 172 24.90 -19.79 30.83
C ALA D 172 25.12 -18.77 29.72
N SER D 173 25.16 -19.27 28.47
CA SER D 173 25.44 -18.48 27.28
C SER D 173 24.42 -18.83 26.20
N ASP D 174 23.75 -17.81 25.67
CA ASP D 174 22.89 -18.02 24.50
C ASP D 174 23.66 -18.57 23.32
N ILE D 175 24.86 -18.06 23.03
CA ILE D 175 25.61 -18.58 21.89
C ILE D 175 25.95 -20.06 22.08
N LEU D 176 26.41 -20.41 23.27
CA LEU D 176 26.69 -21.83 23.52
C LEU D 176 25.43 -22.68 23.42
N ALA D 177 24.28 -22.17 23.85
CA ALA D 177 23.05 -22.96 23.72
C ALA D 177 22.80 -23.17 22.21
N ALA D 178 22.95 -22.12 21.41
CA ALA D 178 22.71 -22.24 19.97
C ALA D 178 23.73 -23.20 19.32
N GLN D 179 24.95 -23.19 19.84
CA GLN D 179 26.01 -24.06 19.32
C GLN D 179 25.53 -25.49 19.33
N PHE D 180 24.99 -25.94 20.47
CA PHE D 180 24.58 -27.33 20.62
C PHE D 180 23.26 -27.68 19.95
N GLN D 181 22.33 -26.73 19.93
CA GLN D 181 21.07 -26.94 19.23
C GLN D 181 21.34 -27.19 17.74
N GLY D 182 22.31 -26.45 17.19
CA GLY D 182 22.73 -26.63 15.82
C GLY D 182 23.36 -27.98 15.53
N LEU D 183 23.79 -28.70 16.57
CA LEU D 183 24.29 -30.07 16.41
C LEU D 183 23.17 -31.07 16.65
N ASN D 184 21.96 -30.55 16.79
CA ASN D 184 20.84 -31.38 17.12
C ASN D 184 21.14 -32.12 18.41
N ALA D 185 21.73 -31.39 19.35
CA ALA D 185 21.91 -31.84 20.71
C ALA D 185 21.09 -30.94 21.64
N THR D 186 21.08 -31.28 22.93
CA THR D 186 20.32 -30.55 23.93
C THR D 186 21.29 -29.94 24.90
N PRO D 187 21.45 -28.60 24.85
CA PRO D 187 22.24 -27.92 25.86
C PRO D 187 21.52 -27.86 27.19
N GLN D 188 22.29 -27.96 28.26
CA GLN D 188 21.74 -27.83 29.60
C GLN D 188 22.61 -26.89 30.45
N LYS D 189 22.09 -25.75 30.84
CA LYS D 189 22.88 -24.82 31.66
C LYS D 189 22.95 -25.34 33.09
N LEU D 190 24.14 -25.31 33.66
CA LEU D 190 24.38 -25.91 34.95
C LEU D 190 25.56 -25.17 35.56
N ALA D 191 25.43 -24.82 36.83
CA ALA D 191 26.56 -24.21 37.55
C ALA D 191 27.80 -25.11 37.54
N PHE D 192 28.97 -24.50 37.38
CA PHE D 192 30.23 -25.25 37.26
C PHE D 192 30.41 -26.25 38.39
N SER D 193 30.10 -25.86 39.63
CA SER D 193 30.28 -26.78 40.79
C SER D 193 29.44 -28.06 40.72
N GLU D 194 28.39 -28.01 39.91
CA GLU D 194 27.46 -29.12 39.80
C GLU D 194 27.77 -30.07 38.64
N VAL D 195 28.79 -29.77 37.83
CA VAL D 195 29.00 -30.56 36.63
C VAL D 195 29.46 -32.00 36.89
N TYR D 196 30.40 -32.19 37.80
CA TYR D 196 30.94 -33.53 38.03
C TYR D 196 29.82 -34.50 38.38
N GLN D 197 28.94 -34.04 39.27
CA GLN D 197 27.90 -34.93 39.75
C GLN D 197 26.85 -35.21 38.68
N ALA D 198 26.51 -34.20 37.88
CA ALA D 198 25.59 -34.42 36.76
C ALA D 198 26.17 -35.48 35.80
N LEU D 199 27.47 -35.37 35.48
CA LEU D 199 28.13 -36.35 34.60
C LEU D 199 28.21 -37.73 35.26
N GLN D 200 28.50 -37.77 36.56
CA GLN D 200 28.64 -39.05 37.27
C GLN D 200 27.36 -39.84 37.25
N VAL D 201 26.22 -39.19 37.50
CA VAL D 201 24.95 -39.93 37.60
C VAL D 201 24.22 -40.02 36.27
N GLY D 202 24.51 -39.10 35.35
CA GLY D 202 24.08 -39.24 33.97
C GLY D 202 22.94 -38.35 33.51
N THR D 203 22.71 -37.21 34.19
CA THR D 203 21.68 -36.26 33.76
C THR D 203 22.19 -35.38 32.60
N VAL D 204 23.51 -35.40 32.39
CA VAL D 204 24.10 -34.90 31.17
C VAL D 204 25.10 -35.96 30.65
N ASP D 205 25.19 -36.04 29.33
CA ASP D 205 26.06 -36.99 28.65
C ASP D 205 27.48 -36.45 28.44
N GLY D 206 27.59 -35.15 28.23
CA GLY D 206 28.88 -34.58 27.87
C GLY D 206 29.00 -33.14 28.29
N GLN D 207 30.13 -32.54 27.91
CA GLN D 207 30.51 -31.18 28.32
C GLN D 207 31.67 -30.68 27.42
N GLU D 208 32.05 -29.42 27.57
CA GLU D 208 33.18 -28.85 26.86
C GLU D 208 34.00 -28.02 27.87
N ASN D 209 35.32 -28.12 27.82
CA ASN D 209 36.15 -27.35 28.78
C ASN D 209 37.65 -27.58 28.55
N THR D 210 38.47 -26.89 29.32
CA THR D 210 39.91 -26.95 29.13
C THR D 210 40.47 -28.17 29.79
N TRP D 211 41.70 -28.52 29.39
CA TRP D 211 42.40 -29.64 30.01
C TRP D 211 42.51 -29.43 31.50
N SER D 212 42.83 -28.21 31.91
CA SER D 212 42.99 -27.92 33.31
C SER D 212 41.73 -28.21 34.15
N ASN D 213 40.56 -27.84 33.63
CA ASN D 213 39.32 -28.04 34.37
C ASN D 213 38.90 -29.51 34.30
N ILE D 214 39.10 -30.12 33.15
CA ILE D 214 38.74 -31.53 32.99
C ILE D 214 39.50 -32.35 33.99
N PHE D 215 40.78 -32.08 34.16
CA PHE D 215 41.57 -32.84 35.10
C PHE D 215 41.25 -32.47 36.56
N SER D 216 41.31 -31.19 36.88
CA SER D 216 41.19 -30.76 38.28
C SER D 216 39.81 -31.00 38.89
N GLN D 217 38.75 -30.94 38.07
CA GLN D 217 37.41 -31.26 38.55
C GLN D 217 37.05 -32.75 38.33
N LYS D 218 38.04 -33.48 37.82
CA LYS D 218 37.95 -34.93 37.58
C LYS D 218 36.87 -35.32 36.57
N PHE D 219 36.58 -34.44 35.63
CA PHE D 219 35.61 -34.78 34.58
C PHE D 219 36.07 -36.02 33.74
N TYR D 220 37.37 -36.20 33.52
CA TYR D 220 37.87 -37.36 32.76
C TYR D 220 37.51 -38.72 33.41
N GLU D 221 37.20 -38.70 34.70
CA GLU D 221 36.78 -39.93 35.39
C GLU D 221 35.35 -40.28 35.05
N VAL D 222 34.58 -39.33 34.55
CA VAL D 222 33.15 -39.55 34.31
C VAL D 222 32.78 -39.20 32.86
N GLN D 223 33.79 -39.36 32.01
CA GLN D 223 33.69 -39.12 30.57
C GLN D 223 34.66 -40.08 29.91
N LYS D 224 34.13 -40.96 29.08
CA LYS D 224 34.91 -42.05 28.49
C LYS D 224 35.75 -41.59 27.32
N ASP D 225 35.31 -40.54 26.63
CA ASP D 225 35.99 -40.08 25.43
C ASP D 225 36.07 -38.54 25.44
N ILE D 226 37.28 -38.01 25.31
CA ILE D 226 37.52 -36.59 25.10
C ILE D 226 38.13 -36.36 23.72
N THR D 227 37.54 -35.48 22.93
CA THR D 227 38.11 -35.10 21.62
C THR D 227 38.84 -33.75 21.71
N GLU D 228 40.10 -33.69 21.25
CA GLU D 228 40.85 -32.44 21.26
C GLU D 228 40.40 -31.55 20.12
N SER D 229 39.38 -30.75 20.35
CA SER D 229 38.73 -30.04 19.26
C SER D 229 39.16 -28.58 19.18
N ASP D 230 39.67 -28.03 20.27
CA ASP D 230 40.03 -26.60 20.31
C ASP D 230 38.97 -25.72 19.59
N HIS D 231 37.69 -25.97 19.87
CA HIS D 231 36.58 -25.30 19.15
C HIS D 231 36.18 -23.99 19.80
N GLY D 232 36.74 -23.67 20.96
CA GLY D 232 36.39 -22.46 21.64
C GLY D 232 37.42 -22.22 22.71
N VAL D 233 37.18 -21.20 23.53
CA VAL D 233 38.15 -20.80 24.53
C VAL D 233 37.41 -20.61 25.85
N ILE D 234 38.11 -20.85 26.95
CA ILE D 234 37.73 -20.38 28.29
C ILE D 234 38.80 -19.39 28.72
N ASP D 235 38.44 -18.13 28.76
CA ASP D 235 39.30 -17.10 29.28
C ASP D 235 38.45 -16.23 30.24
N TYR D 236 39.08 -15.34 31.00
CA TYR D 236 38.39 -14.62 32.07
C TYR D 236 38.52 -13.11 32.01
N VAL D 238 38.69 -10.31 34.96
CA VAL D 238 38.68 -9.88 36.36
C VAL D 238 37.76 -8.65 36.48
N VAL D 239 36.76 -8.75 37.35
CA VAL D 239 35.67 -7.75 37.44
C VAL D 239 35.53 -7.24 38.89
N VAL D 240 35.37 -5.93 39.00
CA VAL D 240 35.14 -5.29 40.31
C VAL D 240 33.94 -4.38 40.17
N ASN D 241 33.34 -4.05 41.31
CA ASN D 241 32.33 -3.00 41.43
C ASN D 241 32.97 -1.63 41.17
N ALA D 242 32.55 -0.95 40.10
CA ALA D 242 33.24 0.26 39.64
C ALA D 242 33.26 1.35 40.71
N LYS D 243 32.18 1.48 41.46
CA LYS D 243 32.08 2.51 42.49
C LYS D 243 33.07 2.21 43.60
N TRP D 244 33.14 0.95 43.99
CA TRP D 244 34.03 0.58 45.07
C TRP D 244 35.48 0.88 44.65
N TRP D 245 35.86 0.45 43.45
CA TRP D 245 37.23 0.56 42.97
C TRP D 245 37.66 2.02 42.82
N ASN D 246 36.76 2.86 42.31
CA ASN D 246 37.07 4.26 42.04
C ASN D 246 37.00 5.10 43.28
N GLY D 247 36.40 4.54 44.34
CA GLY D 247 36.29 5.20 45.61
C GLY D 247 37.49 4.93 46.50
N LEU D 248 38.40 4.06 46.05
CA LEU D 248 39.54 3.68 46.90
C LEU D 248 40.51 4.82 46.98
N SER D 249 41.25 4.86 48.09
CA SER D 249 42.38 5.76 48.20
C SER D 249 43.42 5.48 47.10
N LYS D 250 44.01 6.54 46.57
CA LYS D 250 44.99 6.42 45.50
C LYS D 250 46.08 5.45 45.92
N ASP D 251 46.50 5.55 47.17
CA ASP D 251 47.50 4.64 47.71
C ASP D 251 47.05 3.18 47.57
N LEU D 252 45.86 2.84 48.08
CA LEU D 252 45.36 1.46 48.05
C LEU D 252 45.16 0.98 46.63
N GLN D 253 44.54 1.80 45.79
CA GLN D 253 44.26 1.42 44.42
C GLN D 253 45.57 1.13 43.68
N ASP D 254 46.55 2.01 43.85
CA ASP D 254 47.83 1.84 43.19
C ASP D 254 48.45 0.52 43.58
N ALA D 255 48.33 0.17 44.86
CA ALA D 255 48.97 -1.03 45.34
C ALA D 255 48.30 -2.26 44.72
N LYS D 257 46.50 -2.42 42.02
CA LYS D 257 46.67 -2.40 40.57
C LYS D 257 48.04 -2.91 40.21
N LYS D 258 49.03 -2.63 41.06
CA LYS D 258 50.37 -3.19 40.86
C LYS D 258 50.38 -4.70 41.07
N ALA D 259 49.77 -5.14 42.16
CA ALA D 259 49.61 -6.56 42.45
C ALA D 259 48.84 -7.29 41.34
N ASP D 261 48.57 -6.46 38.10
CA ASP D 261 49.41 -6.51 36.92
C ASP D 261 50.38 -7.65 37.00
N GLU D 262 50.96 -7.87 38.19
CA GLU D 262 51.94 -8.93 38.36
C GLU D 262 51.27 -10.30 38.37
N ALA D 263 50.08 -10.37 38.96
CA ALA D 263 49.32 -11.62 39.00
C ALA D 263 48.91 -12.04 37.60
N THR D 264 48.63 -11.06 36.75
CA THR D 264 48.24 -11.31 35.36
C THR D 264 49.44 -11.81 34.57
N LYS D 265 50.62 -11.35 34.95
CA LYS D 265 51.86 -11.87 34.36
C LYS D 265 52.07 -13.33 34.73
N VAL D 266 51.90 -13.67 35.99
CA VAL D 266 51.97 -15.07 36.41
C VAL D 266 50.91 -15.92 35.69
N ASN D 267 49.70 -15.41 35.57
CA ASN D 267 48.69 -16.11 34.77
C ASN D 267 49.14 -16.45 33.33
N ASN D 268 49.64 -15.44 32.62
CA ASN D 268 50.09 -15.64 31.24
C ASN D 268 51.28 -16.59 31.13
N ASP D 269 52.17 -16.59 32.12
CA ASP D 269 53.29 -17.52 32.12
C ASP D 269 52.92 -18.97 32.48
N VAL D 270 51.80 -19.19 33.16
CA VAL D 270 51.50 -20.55 33.65
C VAL D 270 50.31 -21.27 32.97
N ALA D 271 49.49 -20.55 32.23
CA ALA D 271 48.22 -21.12 31.72
C ALA D 271 48.44 -22.23 30.70
N GLY D 272 49.32 -21.99 29.74
CA GLY D 272 49.68 -23.03 28.77
C GLY D 272 50.27 -24.26 29.39
N LYS D 273 51.25 -24.08 30.28
CA LYS D 273 51.90 -25.23 30.88
C LYS D 273 50.94 -26.07 31.72
N LEU D 274 50.14 -25.43 32.55
CA LEU D 274 49.19 -26.19 33.37
C LEU D 274 48.22 -27.00 32.49
N ASN D 275 47.71 -26.41 31.41
CA ASN D 275 46.86 -27.20 30.52
C ASN D 275 47.67 -28.32 29.82
N ASP D 276 48.87 -28.01 29.38
CA ASP D 276 49.73 -29.06 28.82
C ASP D 276 49.92 -30.25 29.80
N GLU D 277 50.14 -29.94 31.07
CA GLU D 277 50.32 -30.96 32.10
C GLU D 277 49.05 -31.75 32.37
N ALA D 278 47.93 -31.05 32.44
CA ALA D 278 46.66 -31.71 32.68
C ALA D 278 46.40 -32.73 31.57
N LYS D 279 46.63 -32.32 30.32
CA LYS D 279 46.46 -33.24 29.20
C LYS D 279 47.32 -34.50 29.42
N GLN D 280 48.60 -34.30 29.71
CA GLN D 280 49.54 -35.42 29.89
C GLN D 280 49.07 -36.34 31.02
N LYS D 281 48.54 -35.75 32.11
CA LYS D 281 48.07 -36.51 33.27
C LYS D 281 46.86 -37.38 32.91
N ILE D 282 45.86 -36.78 32.27
CA ILE D 282 44.68 -37.50 31.81
C ILE D 282 45.08 -38.67 30.85
N ALA D 283 45.95 -38.40 29.89
CA ALA D 283 46.34 -39.44 28.93
C ALA D 283 47.01 -40.61 29.65
N SER D 284 47.86 -40.28 30.61
CA SER D 284 48.60 -41.30 31.35
C SER D 284 47.69 -42.09 32.31
N SER D 285 46.55 -41.52 32.71
CA SER D 285 45.67 -42.20 33.68
C SER D 285 45.06 -43.47 33.10
N GLY D 286 44.63 -43.41 31.85
CA GLY D 286 43.99 -44.55 31.21
C GLY D 286 42.49 -44.60 31.41
N ALA D 287 41.95 -43.61 32.12
CA ALA D 287 40.52 -43.60 32.41
C ALA D 287 39.69 -43.07 31.25
N SER D 288 40.28 -42.18 30.47
CA SER D 288 39.58 -41.59 29.33
C SER D 288 40.35 -41.81 28.02
N LYS D 289 39.65 -41.94 26.90
CA LYS D 289 40.31 -42.01 25.59
C LYS D 289 40.39 -40.60 24.98
N ILE D 290 41.59 -40.15 24.63
CA ILE D 290 41.73 -38.87 23.95
C ILE D 290 41.80 -39.11 22.44
N HIS D 291 40.93 -38.43 21.71
CA HIS D 291 40.89 -38.53 20.25
C HIS D 291 41.34 -37.24 19.58
N GLN D 292 42.12 -37.38 18.52
CA GLN D 292 42.59 -36.25 17.72
C GLN D 292 41.74 -36.22 16.45
N LEU D 293 41.55 -35.04 15.87
CA LEU D 293 40.79 -34.87 14.63
C LEU D 293 41.75 -34.65 13.49
N THR D 294 41.45 -35.24 12.33
CA THR D 294 42.14 -34.96 11.10
C THR D 294 41.60 -33.64 10.59
N PRO D 295 42.28 -33.04 9.60
CA PRO D 295 41.80 -31.74 9.11
C PRO D 295 40.42 -31.88 8.49
N GLU D 296 40.16 -33.06 7.94
CA GLU D 296 38.88 -33.37 7.29
C GLU D 296 37.75 -33.37 8.35
N GLN D 297 38.06 -33.90 9.52
CA GLN D 297 37.06 -33.96 10.59
C GLN D 297 36.83 -32.58 11.15
N ARG D 298 37.90 -31.88 11.43
CA ARG D 298 37.79 -30.49 11.86
C ARG D 298 36.90 -29.67 10.93
N LYS D 299 37.12 -29.78 9.64
CA LYS D 299 36.31 -29.05 8.68
C LYS D 299 34.82 -29.38 8.87
N GLN D 300 34.50 -30.64 9.16
CA GLN D 300 33.13 -31.03 9.44
C GLN D 300 32.54 -30.29 10.65
N TRP D 301 33.32 -30.22 11.74
CA TRP D 301 32.91 -29.50 12.96
C TRP D 301 32.75 -27.98 12.77
N VAL D 302 33.68 -27.40 12.03
CA VAL D 302 33.65 -25.98 11.72
C VAL D 302 32.36 -25.63 10.98
N GLU D 303 32.01 -26.44 9.97
CA GLU D 303 30.82 -26.18 9.15
C GLU D 303 29.52 -26.44 9.86
N ALA D 304 29.61 -27.12 11.00
CA ALA D 304 28.41 -27.48 11.74
C ALA D 304 28.23 -26.47 12.86
N LYS D 306 30.07 -23.02 12.95
CA LYS D 306 30.15 -21.61 12.56
C LYS D 306 28.82 -20.99 12.08
N PRO D 307 27.89 -21.79 11.61
CA PRO D 307 26.57 -21.23 11.30
C PRO D 307 25.86 -20.50 12.47
N VAL D 308 26.37 -20.61 13.69
N VAL D 308 26.35 -20.61 13.71
CA VAL D 308 25.78 -19.86 14.81
CA VAL D 308 25.73 -19.82 14.79
C VAL D 308 26.17 -18.39 14.73
C VAL D 308 26.18 -18.38 14.74
N TRP D 309 27.31 -18.09 14.10
CA TRP D 309 27.76 -16.72 14.03
C TRP D 309 26.68 -15.80 13.53
N ALA D 310 26.06 -16.18 12.43
CA ALA D 310 25.08 -15.33 11.77
C ALA D 310 23.86 -14.99 12.65
N LYS D 311 23.48 -15.86 13.60
CA LYS D 311 22.36 -15.54 14.49
C LYS D 311 22.72 -14.36 15.40
N PHE D 312 24.00 -14.19 15.69
CA PHE D 312 24.45 -13.26 16.72
C PHE D 312 25.32 -12.10 16.25
N GLU D 313 25.65 -12.09 14.96
CA GLU D 313 26.62 -11.12 14.46
C GLU D 313 26.17 -9.65 14.61
N SER D 314 24.89 -9.39 14.42
CA SER D 314 24.40 -8.02 14.39
C SER D 314 24.32 -7.48 15.83
N ALA D 315 23.95 -8.34 16.77
CA ALA D 315 23.93 -7.99 18.20
C ALA D 315 25.30 -7.71 18.75
N ILE D 316 26.29 -8.48 18.29
CA ILE D 316 27.67 -8.32 18.75
C ILE D 316 28.33 -7.11 18.04
N GLY D 317 28.16 -7.02 16.72
CA GLY D 317 28.80 -5.96 15.95
C GLY D 317 29.82 -6.46 14.94
N LYS D 318 29.63 -6.13 13.67
CA LYS D 318 30.53 -6.62 12.61
C LYS D 318 32.00 -6.30 12.89
N ASP D 319 32.28 -5.05 13.22
CA ASP D 319 33.65 -4.59 13.45
C ASP D 319 34.36 -5.35 14.56
N LEU D 320 33.64 -5.56 15.66
CA LEU D 320 34.17 -6.31 16.79
C LEU D 320 34.55 -7.68 16.32
N ILE D 321 33.67 -8.33 15.54
CA ILE D 321 33.97 -9.69 15.02
C ILE D 321 35.10 -9.68 14.00
N ASP D 322 35.18 -8.61 13.19
CA ASP D 322 36.29 -8.44 12.24
C ASP D 322 37.64 -8.25 12.95
N ALA D 323 37.67 -7.50 14.05
CA ALA D 323 38.88 -7.41 14.86
C ALA D 323 39.30 -8.78 15.41
N ALA D 324 38.32 -9.57 15.84
CA ALA D 324 38.61 -10.89 16.38
C ALA D 324 39.16 -11.82 15.32
N VAL D 325 38.49 -11.91 14.18
CA VAL D 325 39.00 -12.71 13.05
C VAL D 325 40.43 -12.32 12.65
N ALA D 326 40.69 -11.03 12.52
CA ALA D 326 42.01 -10.52 12.17
C ALA D 326 43.11 -10.97 13.12
N SER D 327 42.77 -11.19 14.39
CA SER D 327 43.74 -11.51 15.42
C SER D 327 44.44 -12.84 15.10
N ASN D 328 43.87 -13.65 14.22
CA ASN D 328 44.50 -14.93 13.88
C ASN D 328 45.70 -14.79 12.94
N ASP D 329 45.81 -13.63 12.32
CA ASP D 329 47.00 -13.25 11.56
C ASP D 329 47.68 -12.02 12.18
#